data_4OVH
#
_entry.id   4OVH
#
_cell.length_a   80.028
_cell.length_b   66.423
_cell.length_c   80.793
_cell.angle_alpha   90.000
_cell.angle_beta   114.760
_cell.angle_gamma   90.000
#
_symmetry.space_group_name_H-M   'P 1 21 1'
#
loop_
_entity.id
_entity.type
_entity.pdbx_description
1 polymer 'DNA polymerase III subunit beta'
2 non-polymer DI(HYDROXYETHYL)ETHER
3 non-polymer '(2R)-6-bromo-9-{2-[(carboxymethyl)amino]-2-oxoethyl}-2,3,4,9-tetrahydro-1H-carbazole-2-carboxylic acid'
4 non-polymer 'CHLORIDE ION'
5 non-polymer 'CALCIUM ION'
6 non-polymer 'TETRAETHYLENE GLYCOL'
7 water water
#
_entity_poly.entity_id   1
_entity_poly.type   'polypeptide(L)'
_entity_poly.pdbx_seq_one_letter_code
;MKFTVEREHLLKPLQQVSGPLGGRPTLPILGNLLLQVADGTLSLTGTDLEMEMVARVALVQPHEPGATTVPARKFFDICR
GLPEGAEIAVQLEGERMLVRSGRSRFSLSTLPAADFPNLDDWQSEVEFTLPQATMKRLIEATQFSMAHQDVRYYLNGMLF
ETEGEELRTVATDGHRLAVCSMPIGQSLPSHSVIVPRKGVIELMRMLDGGDNPLRVQIGSNNIRAHVGDFIFTSKLVDGR
FPDYRRVLPKNPDKHLEAGCDLLKQAFARAAILSNEKFRGVRLYVSENQLKITANNPEQEEAEEILDVTYSGAEMEIGFN
VSYVLDVLNALKCENVRMMLTDSVSSVQIEDAASQSAAYVVMPMRL
;
_entity_poly.pdbx_strand_id   A,B
#
loop_
_chem_comp.id
_chem_comp.type
_chem_comp.name
_chem_comp.formula
2VE non-polymer '(2R)-6-bromo-9-{2-[(carboxymethyl)amino]-2-oxoethyl}-2,3,4,9-tetrahydro-1H-carbazole-2-carboxylic acid' 'C17 H17 Br N2 O5'
CA non-polymer 'CALCIUM ION' 'Ca 2'
CL non-polymer 'CHLORIDE ION' 'Cl -1'
PEG non-polymer DI(HYDROXYETHYL)ETHER 'C4 H10 O3'
PG4 non-polymer 'TETRAETHYLENE GLYCOL' 'C8 H18 O5'
#
# COMPACT_ATOMS: atom_id res chain seq x y z
N MET A 1 12.34 38.02 7.40
CA MET A 1 12.05 37.07 6.29
C MET A 1 10.54 37.00 6.01
N LYS A 2 10.15 37.37 4.79
CA LYS A 2 8.77 37.25 4.30
C LYS A 2 8.78 36.80 2.84
N PHE A 3 7.84 35.94 2.48
CA PHE A 3 7.57 35.68 1.07
C PHE A 3 6.12 35.28 0.88
N THR A 4 5.66 35.37 -0.37
CA THR A 4 4.31 34.96 -0.73
C THR A 4 4.41 34.22 -2.04
N VAL A 5 4.10 32.93 -2.04
CA VAL A 5 4.23 32.10 -3.25
C VAL A 5 2.99 31.26 -3.44
N GLU A 6 2.65 30.97 -4.69
CA GLU A 6 1.54 30.09 -4.98
C GLU A 6 1.89 28.65 -4.61
N ARG A 7 0.88 27.91 -4.15
CA ARG A 7 1.03 26.51 -3.72
C ARG A 7 1.71 25.64 -4.78
N GLU A 8 1.22 25.72 -6.03
CA GLU A 8 1.77 24.91 -7.13
C GLU A 8 3.30 24.98 -7.18
N HIS A 9 3.82 26.21 -7.05
CA HIS A 9 5.26 26.48 -7.12
C HIS A 9 6.06 26.06 -5.88
N LEU A 10 5.40 25.96 -4.73
CA LEU A 10 6.06 25.59 -3.48
C LEU A 10 6.01 24.08 -3.24
N LEU A 11 5.00 23.42 -3.82
CA LEU A 11 4.66 22.06 -3.44
C LEU A 11 5.71 21.03 -3.85
N LYS A 12 6.05 20.99 -5.13
CA LYS A 12 7.02 20.02 -5.62
C LYS A 12 8.42 20.21 -5.02
N PRO A 13 8.90 21.46 -4.92
CA PRO A 13 10.14 21.72 -4.18
C PRO A 13 10.13 21.18 -2.73
N LEU A 14 9.06 21.47 -1.99
CA LEU A 14 8.90 20.98 -0.62
C LEU A 14 8.96 19.47 -0.58
N GLN A 15 8.18 18.84 -1.46
CA GLN A 15 8.10 17.40 -1.58
C GLN A 15 9.48 16.77 -1.74
N GLN A 16 10.29 17.40 -2.58
CA GLN A 16 11.60 16.87 -2.94
C GLN A 16 12.55 16.94 -1.75
N VAL A 17 12.71 18.13 -1.18
CA VAL A 17 13.68 18.34 -0.11
C VAL A 17 13.23 17.72 1.21
N SER A 18 11.93 17.70 1.47
CA SER A 18 11.40 17.18 2.73
C SER A 18 11.36 15.65 2.76
N GLY A 19 11.01 15.05 1.62
CA GLY A 19 10.88 13.59 1.48
C GLY A 19 11.62 12.71 2.48
N PRO A 20 12.96 12.75 2.45
CA PRO A 20 13.79 11.82 3.23
C PRO A 20 14.16 12.24 4.67
N LEU A 21 13.56 13.29 5.20
CA LEU A 21 14.07 13.92 6.44
C LEU A 21 13.47 13.37 7.73
N GLY A 22 14.34 13.08 8.70
CA GLY A 22 13.94 12.65 10.04
C GLY A 22 14.62 13.50 11.12
N GLY A 23 14.16 13.35 12.37
CA GLY A 23 14.70 14.07 13.52
C GLY A 23 16.20 13.91 13.70
N ARG A 24 16.62 12.86 14.40
CA ARG A 24 18.06 12.62 14.65
C ARG A 24 18.61 13.50 15.76
N LEU A 27 20.36 15.68 16.79
CA LEU A 27 20.14 16.92 16.04
C LEU A 27 18.73 16.99 15.46
N PRO A 28 17.76 17.45 16.26
CA PRO A 28 16.40 17.67 15.74
C PRO A 28 16.37 18.55 14.49
N ILE A 29 17.36 19.43 14.34
CA ILE A 29 17.40 20.34 13.21
C ILE A 29 17.53 19.63 11.84
N LEU A 30 17.95 18.37 11.84
CA LEU A 30 17.91 17.55 10.62
C LEU A 30 16.47 17.21 10.17
N GLY A 31 15.53 17.30 11.11
CA GLY A 31 14.10 17.18 10.80
C GLY A 31 13.48 18.47 10.27
N ASN A 32 14.25 19.55 10.26
CA ASN A 32 13.81 20.82 9.71
C ASN A 32 14.39 21.12 8.33
N LEU A 33 13.66 21.94 7.57
CA LEU A 33 14.16 22.51 6.33
C LEU A 33 14.76 23.84 6.64
N LEU A 34 15.85 24.16 5.95
CA LEU A 34 16.42 25.50 5.96
C LEU A 34 15.72 26.31 4.86
N LEU A 35 15.14 27.45 5.24
CA LEU A 35 14.57 28.39 4.29
C LEU A 35 15.40 29.66 4.25
N GLN A 36 15.71 30.13 3.04
CA GLN A 36 16.47 31.36 2.85
C GLN A 36 15.79 32.19 1.79
N VAL A 37 15.50 33.44 2.10
CA VAL A 37 15.12 34.40 1.08
C VAL A 37 16.37 35.26 0.79
N ALA A 38 16.80 35.29 -0.46
CA ALA A 38 17.93 36.12 -0.91
C ALA A 38 17.94 36.30 -2.42
N ASP A 39 18.28 37.50 -2.89
CA ASP A 39 18.49 37.74 -4.33
CA ASP A 39 18.47 37.78 -4.31
C ASP A 39 17.29 37.27 -5.16
N GLY A 40 16.10 37.65 -4.74
CA GLY A 40 14.86 37.25 -5.45
C GLY A 40 14.53 35.77 -5.41
N THR A 41 15.13 35.03 -4.47
CA THR A 41 15.01 33.58 -4.48
C THR A 41 14.72 33.03 -3.08
N LEU A 42 13.83 32.04 -3.04
CA LEU A 42 13.61 31.21 -1.87
C LEU A 42 14.40 29.93 -2.07
N SER A 43 15.31 29.67 -1.14
CA SER A 43 16.09 28.43 -1.15
C SER A 43 15.59 27.51 -0.05
N LEU A 44 15.26 26.27 -0.41
CA LEU A 44 14.83 25.26 0.53
C LEU A 44 15.83 24.12 0.53
N THR A 45 16.44 23.89 1.69
CA THR A 45 17.51 22.92 1.81
C THR A 45 17.18 21.86 2.87
N GLY A 46 17.51 20.62 2.54
CA GLY A 46 17.34 19.47 3.45
C GLY A 46 18.59 18.61 3.43
N THR A 47 18.86 17.93 4.54
CA THR A 47 20.08 17.12 4.66
C THR A 47 20.03 16.10 5.81
N ASP A 48 20.74 15.00 5.63
CA ASP A 48 20.98 14.02 6.70
C ASP A 48 22.46 13.91 7.04
N LEU A 49 23.24 14.90 6.61
CA LEU A 49 24.68 14.97 6.83
C LEU A 49 25.51 14.22 5.78
N GLU A 50 24.93 13.20 5.15
CA GLU A 50 25.57 12.49 4.05
C GLU A 50 25.23 13.15 2.71
N MET A 51 23.96 13.44 2.50
CA MET A 51 23.49 14.03 1.27
C MET A 51 22.70 15.29 1.54
N GLU A 52 22.38 16.02 0.48
CA GLU A 52 21.74 17.31 0.58
C GLU A 52 20.94 17.58 -0.67
N MET A 53 19.71 18.07 -0.49
CA MET A 53 18.87 18.49 -1.62
C MET A 53 18.50 19.96 -1.45
N VAL A 54 18.80 20.77 -2.46
CA VAL A 54 18.54 22.21 -2.44
C VAL A 54 17.58 22.54 -3.58
N ALA A 55 16.55 23.31 -3.28
CA ALA A 55 15.56 23.70 -4.26
C ALA A 55 15.53 25.22 -4.27
N ARG A 56 15.65 25.80 -5.47
CA ARG A 56 15.48 27.24 -5.64
C ARG A 56 14.11 27.52 -6.25
N VAL A 57 13.46 28.58 -5.78
CA VAL A 57 12.23 29.04 -6.40
C VAL A 57 12.18 30.58 -6.42
N ALA A 58 11.89 31.12 -7.61
CA ALA A 58 11.89 32.56 -7.84
C ALA A 58 10.74 33.23 -7.12
N LEU A 59 11.03 34.40 -6.55
CA LEU A 59 10.05 35.17 -5.83
C LEU A 59 9.62 36.33 -6.71
N VAL A 60 8.42 36.22 -7.28
CA VAL A 60 7.86 37.21 -8.19
C VAL A 60 7.08 38.30 -7.45
N GLN A 61 6.72 38.01 -6.21
CA GLN A 61 6.03 38.97 -5.35
C GLN A 61 7.00 39.60 -4.38
N PRO A 62 6.60 40.73 -3.76
CA PRO A 62 7.43 41.32 -2.71
C PRO A 62 7.85 40.31 -1.63
N HIS A 63 9.07 40.46 -1.13
CA HIS A 63 9.66 39.56 -0.15
C HIS A 63 10.72 40.30 0.64
N GLU A 64 11.12 39.71 1.75
CA GLU A 64 12.14 40.28 2.62
C GLU A 64 13.19 39.21 2.91
N PRO A 65 14.45 39.62 3.03
CA PRO A 65 15.50 38.62 3.20
C PRO A 65 15.55 38.06 4.62
N GLY A 66 16.18 36.91 4.78
CA GLY A 66 16.35 36.30 6.08
C GLY A 66 16.21 34.80 5.97
N ALA A 67 16.68 34.10 7.00
CA ALA A 67 16.70 32.65 7.01
C ALA A 67 16.18 32.09 8.33
N THR A 68 15.57 30.91 8.25
CA THR A 68 15.09 30.19 9.43
C THR A 68 15.08 28.70 9.11
N THR A 69 14.44 27.95 9.98
CA THR A 69 14.44 26.51 9.92
C THR A 69 13.09 26.08 10.51
N VAL A 70 12.33 25.26 9.79
CA VAL A 70 11.01 24.77 10.26
C VAL A 70 10.90 23.27 10.14
N PRO A 71 9.97 22.64 10.90
CA PRO A 71 9.70 21.21 10.75
C PRO A 71 9.29 20.91 9.32
N ALA A 72 10.04 20.03 8.65
CA ALA A 72 9.87 19.79 7.22
C ALA A 72 8.53 19.11 6.91
N ARG A 73 8.22 18.06 7.67
CA ARG A 73 7.01 17.26 7.46
C ARG A 73 5.74 18.09 7.68
N LYS A 74 5.67 18.78 8.82
CA LYS A 74 4.51 19.60 9.14
C LYS A 74 4.32 20.73 8.15
N PHE A 75 5.40 21.38 7.75
CA PHE A 75 5.31 22.45 6.77
C PHE A 75 4.84 21.93 5.40
N PHE A 76 5.37 20.79 4.97
CA PHE A 76 4.91 20.16 3.72
C PHE A 76 3.44 19.72 3.81
N ASP A 77 3.07 19.08 4.92
CA ASP A 77 1.69 18.62 5.10
C ASP A 77 0.72 19.81 5.04
N ILE A 78 1.07 20.92 5.68
CA ILE A 78 0.21 22.11 5.69
C ILE A 78 -0.01 22.60 4.27
N CYS A 79 1.07 22.77 3.52
CA CYS A 79 0.99 23.26 2.15
C CYS A 79 0.19 22.30 1.28
N ARG A 80 0.51 21.01 1.35
CA ARG A 80 -0.19 19.98 0.62
C ARG A 80 -1.67 19.97 0.98
N GLY A 81 -1.99 20.26 2.24
CA GLY A 81 -3.36 20.26 2.72
C GLY A 81 -4.17 21.47 2.29
N LEU A 82 -3.49 22.53 1.86
CA LEU A 82 -4.19 23.68 1.34
C LEU A 82 -4.83 23.37 -0.03
N PRO A 83 -5.84 24.16 -0.44
CA PRO A 83 -6.54 23.88 -1.70
C PRO A 83 -5.73 24.25 -2.93
N GLU A 84 -6.17 23.75 -4.08
CA GLU A 84 -5.50 24.02 -5.33
C GLU A 84 -5.60 25.50 -5.68
N GLY A 85 -4.51 26.05 -6.20
CA GLY A 85 -4.46 27.46 -6.58
C GLY A 85 -4.33 28.43 -5.42
N ALA A 86 -4.17 27.91 -4.21
CA ALA A 86 -4.02 28.75 -3.02
C ALA A 86 -2.72 29.54 -3.03
N GLU A 87 -2.70 30.64 -2.30
CA GLU A 87 -1.52 31.46 -2.18
C GLU A 87 -1.03 31.38 -0.76
N ILE A 88 0.29 31.28 -0.59
CA ILE A 88 0.87 31.00 0.71
C ILE A 88 1.80 32.12 1.16
N ALA A 89 1.36 32.87 2.16
CA ALA A 89 2.13 33.99 2.70
C ALA A 89 2.82 33.52 3.97
N VAL A 90 4.14 33.68 3.99
CA VAL A 90 4.97 33.20 5.07
C VAL A 90 5.78 34.35 5.63
N GLN A 91 5.96 34.36 6.96
CA GLN A 91 6.82 35.35 7.60
C GLN A 91 7.29 34.91 8.99
N LEU A 92 8.45 35.41 9.37
CA LEU A 92 9.07 35.08 10.62
C LEU A 92 8.57 36.05 11.68
N GLU A 93 8.29 35.56 12.88
CA GLU A 93 7.88 36.40 13.99
C GLU A 93 8.22 35.72 15.31
N GLY A 94 9.24 36.23 15.99
CA GLY A 94 9.76 35.59 17.20
C GLY A 94 10.46 34.30 16.84
N GLU A 95 10.31 33.29 17.70
CA GLU A 95 10.85 31.94 17.45
CA GLU A 95 10.84 31.95 17.45
C GLU A 95 9.89 31.13 16.57
N ARG A 96 8.87 31.80 16.02
CA ARG A 96 7.82 31.12 15.25
C ARG A 96 7.81 31.52 13.77
N MET A 97 7.38 30.60 12.91
CA MET A 97 7.12 30.93 11.50
C MET A 97 5.62 30.90 11.22
N LEU A 98 5.08 32.06 10.87
CA LEU A 98 3.68 32.23 10.49
C LEU A 98 3.47 31.82 9.04
N VAL A 99 2.36 31.13 8.78
CA VAL A 99 2.00 30.67 7.44
C VAL A 99 0.52 31.02 7.24
N ARG A 100 0.20 31.83 6.24
CA ARG A 100 -1.18 32.27 6.01
C ARG A 100 -1.61 31.98 4.60
N SER A 101 -2.77 31.36 4.45
CA SER A 101 -3.38 31.14 3.14
C SER A 101 -4.90 31.23 3.29
N GLY A 102 -5.52 32.18 2.58
CA GLY A 102 -6.94 32.42 2.78
C GLY A 102 -7.23 32.76 4.24
N ARG A 103 -8.12 32.00 4.87
CA ARG A 103 -8.34 32.12 6.32
C ARG A 103 -7.82 30.91 7.13
N SER A 104 -6.81 30.22 6.59
CA SER A 104 -6.07 29.18 7.31
C SER A 104 -4.76 29.80 7.80
N ARG A 105 -4.54 29.81 9.11
CA ARG A 105 -3.33 30.37 9.69
C ARG A 105 -2.60 29.33 10.53
N PHE A 106 -1.27 29.32 10.43
CA PHE A 106 -0.45 28.35 11.15
C PHE A 106 0.81 29.02 11.69
N SER A 107 1.22 28.57 12.88
CA SER A 107 2.39 29.09 13.55
C SER A 107 3.30 27.91 13.95
N LEU A 108 4.43 27.78 13.25
CA LEU A 108 5.35 26.65 13.45
C LEU A 108 6.57 27.06 14.27
N SER A 109 7.17 26.09 14.95
CA SER A 109 8.40 26.32 15.69
C SER A 109 9.54 26.51 14.69
N THR A 110 10.67 27.02 15.19
CA THR A 110 11.86 27.23 14.36
C THR A 110 13.13 26.89 15.13
N LEU A 111 14.17 26.50 14.39
CA LEU A 111 15.52 26.49 14.93
C LEU A 111 16.38 27.48 14.12
N PRO A 112 17.44 28.03 14.73
CA PRO A 112 18.21 29.04 13.98
C PRO A 112 18.89 28.52 12.70
N ALA A 113 18.83 29.30 11.63
CA ALA A 113 19.55 28.98 10.38
C ALA A 113 21.06 28.78 10.61
N ALA A 114 21.62 29.50 11.58
CA ALA A 114 23.02 29.34 11.96
C ALA A 114 23.36 27.94 12.47
N ASP A 115 22.39 27.27 13.09
CA ASP A 115 22.59 25.90 13.60
C ASP A 115 22.53 24.86 12.46
N PHE A 116 21.98 25.25 11.30
CA PHE A 116 21.80 24.29 10.21
C PHE A 116 23.14 23.92 9.61
N PRO A 117 23.44 22.61 9.52
CA PRO A 117 24.78 22.17 9.10
C PRO A 117 25.01 22.22 7.60
N ASN A 118 26.25 22.52 7.20
CA ASN A 118 26.71 22.45 5.81
C ASN A 118 27.50 21.19 5.56
N LEU A 119 27.41 20.65 4.34
CA LEU A 119 28.39 19.65 3.90
C LEU A 119 29.67 20.41 3.56
N ASP A 120 30.83 19.76 3.72
CA ASP A 120 32.12 20.41 3.47
C ASP A 120 32.26 20.85 2.02
N ASP A 121 33.08 21.86 1.78
CA ASP A 121 33.42 22.27 0.41
C ASP A 121 34.30 21.24 -0.30
N TRP A 122 34.15 21.15 -1.62
CA TRP A 122 34.92 20.21 -2.43
C TRP A 122 35.02 20.72 -3.85
N GLN A 123 35.81 20.04 -4.66
CA GLN A 123 36.09 20.46 -6.03
C GLN A 123 35.54 19.46 -7.05
N SER A 124 35.00 19.97 -8.14
CA SER A 124 34.59 19.13 -9.26
C SER A 124 35.81 18.67 -10.06
N GLU A 125 35.92 17.37 -10.34
CA GLU A 125 36.97 16.83 -11.22
C GLU A 125 36.42 16.33 -12.56
N VAL A 126 35.19 15.84 -12.54
CA VAL A 126 34.55 15.25 -13.72
C VAL A 126 33.16 15.86 -13.88
N GLU A 127 32.81 16.21 -15.13
CA GLU A 127 31.51 16.83 -15.39
C GLU A 127 30.98 16.40 -16.75
N PHE A 128 29.66 16.30 -16.84
CA PHE A 128 28.99 15.99 -18.08
C PHE A 128 27.51 16.23 -17.86
N THR A 129 26.76 16.17 -18.95
CA THR A 129 25.34 16.33 -18.92
C THR A 129 24.71 15.16 -19.66
N LEU A 130 23.45 14.89 -19.36
CA LEU A 130 22.72 13.85 -20.05
C LEU A 130 21.25 14.15 -19.88
N PRO A 131 20.39 13.63 -20.79
CA PRO A 131 18.96 13.72 -20.56
C PRO A 131 18.55 13.03 -19.25
N GLN A 132 17.51 13.56 -18.60
CA GLN A 132 16.90 12.91 -17.45
C GLN A 132 16.49 11.48 -17.76
N ALA A 133 15.89 11.29 -18.92
CA ALA A 133 15.35 10.00 -19.30
C ALA A 133 16.44 8.96 -19.31
N THR A 134 17.65 9.38 -19.68
CA THR A 134 18.82 8.52 -19.69
C THR A 134 19.24 8.13 -18.27
N MET A 135 19.31 9.12 -17.38
CA MET A 135 19.64 8.85 -15.99
C MET A 135 18.58 7.93 -15.37
N LYS A 136 17.32 8.20 -15.71
CA LYS A 136 16.22 7.38 -15.18
C LYS A 136 16.40 5.95 -15.58
N ARG A 137 16.63 5.73 -16.88
CA ARG A 137 16.88 4.40 -17.45
C ARG A 137 18.12 3.73 -16.86
N LEU A 138 19.18 4.48 -16.58
CA LEU A 138 20.41 3.89 -16.05
C LEU A 138 20.23 3.35 -14.64
N ILE A 139 19.51 4.12 -13.81
CA ILE A 139 19.25 3.73 -12.44
C ILE A 139 18.24 2.60 -12.37
N GLU A 140 17.11 2.77 -13.07
CA GLU A 140 16.04 1.76 -13.14
C GLU A 140 16.57 0.40 -13.52
N ALA A 141 17.44 0.37 -14.52
CA ALA A 141 17.95 -0.89 -15.04
C ALA A 141 18.73 -1.70 -14.00
N THR A 142 19.28 -1.04 -12.98
CA THR A 142 20.24 -1.68 -12.07
C THR A 142 19.89 -1.64 -10.57
N GLN A 143 19.11 -0.66 -10.16
CA GLN A 143 18.86 -0.34 -8.75
C GLN A 143 18.53 -1.54 -7.86
N PHE A 144 17.67 -2.43 -8.34
CA PHE A 144 17.22 -3.59 -7.55
C PHE A 144 18.33 -4.58 -7.17
N SER A 145 19.48 -4.51 -7.85
CA SER A 145 20.59 -5.42 -7.55
C SER A 145 21.58 -4.90 -6.49
N MET A 146 21.41 -3.67 -6.02
CA MET A 146 22.25 -3.15 -4.93
C MET A 146 22.02 -4.01 -3.69
N ALA A 147 23.05 -4.17 -2.87
CA ALA A 147 22.86 -4.75 -1.52
C ALA A 147 22.10 -3.75 -0.64
N HIS A 148 21.57 -4.21 0.48
CA HIS A 148 20.78 -3.34 1.36
C HIS A 148 21.57 -2.88 2.60
N GLN A 149 22.00 -3.86 3.40
CA GLN A 149 22.80 -3.59 4.60
C GLN A 149 23.98 -4.58 4.71
N ASP A 150 24.62 -4.88 3.59
CA ASP A 150 25.74 -5.83 3.57
C ASP A 150 26.95 -5.27 4.32
N VAL A 151 27.74 -6.15 4.94
CA VAL A 151 28.96 -5.69 5.64
C VAL A 151 30.02 -5.18 4.66
N ARG A 152 29.88 -5.52 3.39
CA ARG A 152 30.65 -4.86 2.33
C ARG A 152 29.90 -3.59 1.96
N TYR A 153 30.24 -2.50 2.63
CA TYR A 153 29.56 -1.20 2.47
CA TYR A 153 29.50 -1.26 2.47
C TYR A 153 29.60 -0.71 1.03
N TYR A 154 30.64 -1.09 0.31
CA TYR A 154 30.78 -0.67 -1.11
C TYR A 154 29.67 -1.24 -2.04
N LEU A 155 29.01 -2.33 -1.63
CA LEU A 155 27.92 -2.94 -2.39
C LEU A 155 26.53 -2.34 -2.09
N ASN A 156 26.44 -1.55 -1.01
CA ASN A 156 25.18 -0.89 -0.61
C ASN A 156 25.08 0.45 -1.30
N GLY A 157 24.90 0.41 -2.61
CA GLY A 157 25.08 1.59 -3.44
C GLY A 157 25.38 1.16 -4.86
N MET A 158 25.56 2.15 -5.74
CA MET A 158 25.64 1.92 -7.17
C MET A 158 26.91 2.56 -7.73
N LEU A 159 27.65 1.80 -8.52
CA LEU A 159 28.79 2.32 -9.25
C LEU A 159 28.29 3.16 -10.41
N PHE A 160 28.82 4.37 -10.52
CA PHE A 160 28.64 5.20 -11.69
C PHE A 160 29.99 5.29 -12.41
N GLU A 161 30.06 4.76 -13.62
CA GLU A 161 31.31 4.72 -14.39
C GLU A 161 31.21 5.47 -15.70
N THR A 162 32.23 6.28 -15.98
CA THR A 162 32.42 6.91 -17.29
C THR A 162 33.49 6.17 -18.08
N GLU A 163 33.22 5.88 -19.34
CA GLU A 163 34.19 5.24 -20.22
C GLU A 163 33.84 5.57 -21.67
N GLY A 164 34.78 6.18 -22.38
CA GLY A 164 34.52 6.62 -23.76
C GLY A 164 33.41 7.64 -23.79
N GLU A 165 32.30 7.31 -24.44
CA GLU A 165 31.12 8.18 -24.41
C GLU A 165 29.99 7.63 -23.56
N GLU A 166 30.27 6.59 -22.79
CA GLU A 166 29.26 5.91 -22.01
C GLU A 166 29.27 6.28 -20.53
N LEU A 167 28.07 6.53 -19.99
CA LEU A 167 27.85 6.51 -18.56
C LEU A 167 27.23 5.16 -18.25
N ARG A 168 27.75 4.50 -17.22
CA ARG A 168 27.39 3.13 -16.91
C ARG A 168 27.07 3.02 -15.42
N THR A 169 26.07 2.19 -15.10
CA THR A 169 25.72 1.92 -13.72
C THR A 169 25.92 0.44 -13.47
N VAL A 170 26.34 0.11 -12.26
CA VAL A 170 26.56 -1.27 -11.86
C VAL A 170 26.09 -1.39 -10.42
N ALA A 171 25.38 -2.49 -10.15
CA ALA A 171 24.90 -2.81 -8.83
C ALA A 171 24.92 -4.31 -8.69
N THR A 172 25.42 -4.78 -7.55
CA THR A 172 25.48 -6.21 -7.27
C THR A 172 25.42 -6.36 -5.76
N ASP A 173 24.89 -7.49 -5.31
CA ASP A 173 24.87 -7.80 -3.88
C ASP A 173 25.72 -9.02 -3.55
N GLY A 174 26.46 -9.51 -4.54
CA GLY A 174 27.27 -10.72 -4.39
C GLY A 174 26.62 -11.98 -4.91
N HIS A 175 25.30 -11.95 -5.08
CA HIS A 175 24.55 -13.10 -5.61
C HIS A 175 24.11 -12.86 -7.03
N ARG A 176 23.75 -11.62 -7.36
CA ARG A 176 23.37 -11.23 -8.71
C ARG A 176 23.91 -9.84 -9.03
N LEU A 177 23.93 -9.48 -10.31
CA LEU A 177 24.50 -8.21 -10.78
C LEU A 177 23.72 -7.65 -11.95
N ALA A 178 23.67 -6.32 -12.00
CA ALA A 178 23.07 -5.59 -13.10
C ALA A 178 24.05 -4.50 -13.57
N VAL A 179 24.20 -4.39 -14.90
CA VAL A 179 24.95 -3.31 -15.54
C VAL A 179 24.10 -2.68 -16.60
N CYS A 180 24.25 -1.38 -16.78
CA CYS A 180 23.60 -0.70 -17.89
C CYS A 180 24.46 0.46 -18.40
N SER A 181 24.76 0.46 -19.70
CA SER A 181 25.55 1.53 -20.33
C SER A 181 24.72 2.31 -21.31
N MET A 182 24.87 3.62 -21.32
CA MET A 182 24.16 4.47 -22.26
C MET A 182 25.12 5.49 -22.83
N PRO A 183 25.14 5.62 -24.18
CA PRO A 183 25.99 6.64 -24.80
C PRO A 183 25.37 7.99 -24.58
N ILE A 184 26.19 9.00 -24.28
CA ILE A 184 25.70 10.34 -23.98
C ILE A 184 26.37 11.45 -24.79
N GLY A 185 26.98 11.07 -25.92
CA GLY A 185 27.44 12.03 -26.92
C GLY A 185 28.61 12.92 -26.54
N GLN A 186 29.32 12.54 -25.48
CA GLN A 186 30.48 13.30 -25.01
C GLN A 186 31.67 12.38 -24.83
N SER A 187 32.86 12.90 -25.13
CA SER A 187 34.10 12.20 -24.81
C SER A 187 34.36 12.30 -23.30
N LEU A 188 34.28 11.17 -22.60
CA LEU A 188 34.40 11.14 -21.14
C LEU A 188 35.74 10.52 -20.69
N PRO A 189 36.29 10.98 -19.54
CA PRO A 189 37.46 10.34 -18.99
C PRO A 189 37.07 9.04 -18.30
N SER A 190 38.02 8.13 -18.19
CA SER A 190 37.79 6.87 -17.50
C SER A 190 37.79 7.10 -16.01
N HIS A 191 36.66 6.85 -15.36
CA HIS A 191 36.48 7.12 -13.95
C HIS A 191 35.27 6.37 -13.36
N SER A 192 35.30 6.11 -12.06
CA SER A 192 34.21 5.42 -11.37
C SER A 192 34.08 5.93 -9.94
N VAL A 193 32.84 6.00 -9.47
CA VAL A 193 32.54 6.30 -8.07
C VAL A 193 31.38 5.43 -7.59
N ILE A 194 31.30 5.25 -6.28
CA ILE A 194 30.22 4.51 -5.66
C ILE A 194 29.32 5.51 -4.93
N VAL A 195 28.08 5.58 -5.37
CA VAL A 195 27.04 6.44 -4.81
C VAL A 195 26.17 5.61 -3.83
N PRO A 196 26.00 6.08 -2.58
CA PRO A 196 25.22 5.30 -1.60
C PRO A 196 23.75 5.16 -1.99
N ARG A 197 23.18 3.98 -1.74
CA ARG A 197 21.81 3.67 -2.16
C ARG A 197 20.79 4.76 -1.85
N LYS A 198 20.89 5.37 -0.67
CA LYS A 198 20.01 6.49 -0.31
C LYS A 198 20.13 7.67 -1.29
N GLY A 199 21.35 7.98 -1.69
CA GLY A 199 21.58 8.98 -2.72
C GLY A 199 21.03 8.57 -4.08
N VAL A 200 21.17 7.29 -4.41
CA VAL A 200 20.63 6.76 -5.68
C VAL A 200 19.13 7.00 -5.76
N ILE A 201 18.46 6.76 -4.64
CA ILE A 201 17.00 6.88 -4.57
C ILE A 201 16.55 8.33 -4.68
N GLU A 202 17.24 9.23 -3.99
CA GLU A 202 16.89 10.66 -4.08
C GLU A 202 17.22 11.17 -5.48
N LEU A 203 18.38 10.78 -6.00
CA LEU A 203 18.71 11.10 -7.37
C LEU A 203 17.60 10.66 -8.35
N MET A 204 17.12 9.44 -8.19
CA MET A 204 16.04 8.93 -9.03
C MET A 204 14.77 9.78 -8.88
N ARG A 205 14.40 10.03 -7.62
CA ARG A 205 13.19 10.76 -7.30
C ARG A 205 13.20 12.23 -7.73
N MET A 206 14.37 12.81 -8.00
CA MET A 206 14.45 14.19 -8.48
C MET A 206 14.17 14.35 -9.98
N LEU A 207 14.07 13.24 -10.70
CA LEU A 207 13.79 13.28 -12.14
C LEU A 207 12.28 13.42 -12.39
N ASP A 208 11.85 14.66 -12.59
CA ASP A 208 10.42 14.98 -12.80
C ASP A 208 9.83 14.32 -14.04
N GLY A 209 10.67 14.10 -15.05
CA GLY A 209 10.21 13.56 -16.34
C GLY A 209 9.99 14.63 -17.39
N GLY A 210 10.58 15.80 -17.18
CA GLY A 210 10.50 16.89 -18.14
C GLY A 210 11.72 16.88 -19.06
N ASP A 211 11.89 17.95 -19.82
CA ASP A 211 12.95 18.06 -20.84
C ASP A 211 14.24 18.70 -20.32
N ASN A 212 14.20 19.27 -19.12
CA ASN A 212 15.41 19.82 -18.49
C ASN A 212 16.49 18.76 -18.47
N PRO A 213 17.64 19.04 -19.11
CA PRO A 213 18.73 18.06 -18.98
C PRO A 213 19.33 18.03 -17.57
N LEU A 214 20.16 17.03 -17.31
CA LEU A 214 20.83 16.87 -16.02
C LEU A 214 22.30 17.25 -16.18
N ARG A 215 22.85 17.98 -15.21
CA ARG A 215 24.29 18.22 -15.18
C ARG A 215 24.89 17.57 -13.94
N VAL A 216 25.94 16.76 -14.16
CA VAL A 216 26.57 15.99 -13.10
C VAL A 216 28.01 16.45 -12.86
N GLN A 217 28.37 16.59 -11.58
CA GLN A 217 29.71 16.92 -11.17
C GLN A 217 30.17 15.92 -10.13
N ILE A 218 31.35 15.35 -10.37
CA ILE A 218 31.93 14.38 -9.47
C ILE A 218 33.24 14.94 -8.96
N GLY A 219 33.43 14.86 -7.65
CA GLY A 219 34.71 15.16 -7.01
C GLY A 219 35.22 13.88 -6.38
N SER A 220 36.34 13.97 -5.68
CA SER A 220 36.97 12.77 -5.10
C SER A 220 36.12 12.12 -3.99
N ASN A 221 35.28 12.88 -3.32
CA ASN A 221 34.45 12.33 -2.24
C ASN A 221 32.99 12.73 -2.29
N ASN A 222 32.55 13.24 -3.44
CA ASN A 222 31.22 13.84 -3.57
C ASN A 222 30.69 13.69 -4.99
N ILE A 223 29.39 13.51 -5.12
CA ILE A 223 28.74 13.68 -6.42
C ILE A 223 27.63 14.71 -6.28
N ARG A 224 27.39 15.48 -7.35
CA ARG A 224 26.29 16.43 -7.40
C ARG A 224 25.59 16.39 -8.74
N ALA A 225 24.26 16.54 -8.73
CA ALA A 225 23.47 16.64 -9.95
C ALA A 225 22.55 17.87 -9.93
N HIS A 226 22.60 18.68 -10.99
CA HIS A 226 21.67 19.82 -11.18
C HIS A 226 20.64 19.48 -12.23
N VAL A 227 19.37 19.57 -11.86
CA VAL A 227 18.29 19.50 -12.85
C VAL A 227 17.22 20.53 -12.52
N GLY A 228 16.90 21.38 -13.49
CA GLY A 228 16.00 22.51 -13.26
C GLY A 228 16.52 23.35 -12.11
N ASP A 229 15.69 23.57 -11.10
CA ASP A 229 16.07 24.43 -9.97
C ASP A 229 16.42 23.61 -8.71
N PHE A 230 16.81 22.35 -8.91
CA PHE A 230 17.22 21.49 -7.80
C PHE A 230 18.70 21.15 -7.85
N ILE A 231 19.34 21.10 -6.70
CA ILE A 231 20.73 20.67 -6.61
C ILE A 231 20.84 19.59 -5.53
N PHE A 232 21.09 18.37 -5.98
CA PHE A 232 21.31 17.25 -5.08
C PHE A 232 22.81 17.06 -4.92
N THR A 233 23.26 16.91 -3.68
CA THR A 233 24.66 16.66 -3.37
C THR A 233 24.73 15.50 -2.40
N SER A 234 25.60 14.53 -2.67
CA SER A 234 25.81 13.38 -1.78
C SER A 234 27.28 12.97 -1.62
N LYS A 235 27.62 12.43 -0.46
CA LYS A 235 28.91 11.75 -0.27
C LYS A 235 28.98 10.45 -1.04
N LEU A 236 30.21 9.97 -1.24
CA LEU A 236 30.48 8.71 -1.93
C LEU A 236 30.90 7.62 -0.94
N VAL A 237 30.95 6.40 -1.45
CA VAL A 237 31.30 5.24 -0.64
C VAL A 237 32.73 4.80 -0.98
N ASP A 238 33.51 4.52 0.07
CA ASP A 238 34.91 4.05 -0.07
C ASP A 238 34.92 2.57 -0.40
N GLY A 239 36.07 2.07 -0.85
CA GLY A 239 36.26 0.64 -1.08
C GLY A 239 36.28 0.29 -2.55
N ARG A 240 36.85 -0.88 -2.87
CA ARG A 240 36.99 -1.34 -4.24
C ARG A 240 35.77 -2.14 -4.70
N PHE A 241 35.01 -1.54 -5.59
CA PHE A 241 33.84 -2.16 -6.18
C PHE A 241 34.32 -3.27 -7.13
N PRO A 242 33.58 -4.37 -7.21
CA PRO A 242 33.94 -5.44 -8.14
C PRO A 242 33.86 -5.01 -9.61
N ASP A 243 34.59 -5.74 -10.46
CA ASP A 243 34.66 -5.45 -11.88
C ASP A 243 33.63 -6.28 -12.63
N TYR A 244 32.59 -5.62 -13.13
CA TYR A 244 31.46 -6.30 -13.78
C TYR A 244 31.86 -7.26 -14.91
N ARG A 245 33.01 -6.97 -15.54
CA ARG A 245 33.53 -7.80 -16.63
C ARG A 245 34.03 -9.15 -16.13
N ARG A 246 34.40 -9.21 -14.86
CA ARG A 246 34.82 -10.44 -14.21
C ARG A 246 33.62 -11.28 -13.82
N VAL A 247 32.50 -10.61 -13.62
CA VAL A 247 31.23 -11.23 -13.26
C VAL A 247 30.53 -11.73 -14.51
N LEU A 248 30.51 -10.89 -15.54
CA LEU A 248 29.98 -11.32 -16.84
C LEU A 248 30.68 -12.60 -17.27
N PRO A 249 29.92 -13.54 -17.84
CA PRO A 249 30.55 -14.75 -18.39
C PRO A 249 31.47 -14.43 -19.56
N LYS A 250 32.57 -15.17 -19.69
CA LYS A 250 33.61 -14.88 -20.71
C LYS A 250 33.14 -15.17 -22.14
N ASN A 251 32.37 -16.24 -22.31
CA ASN A 251 31.87 -16.62 -23.64
C ASN A 251 30.61 -17.47 -23.49
N PRO A 252 29.46 -16.83 -23.16
CA PRO A 252 28.21 -17.56 -23.04
C PRO A 252 27.65 -17.92 -24.42
N ASP A 253 28.26 -18.94 -25.00
CA ASP A 253 27.92 -19.50 -26.31
C ASP A 253 26.44 -19.89 -26.50
N LYS A 254 25.77 -20.34 -25.43
CA LYS A 254 24.42 -20.89 -25.54
C LYS A 254 23.33 -19.83 -25.38
N HIS A 255 22.65 -19.54 -26.49
CA HIS A 255 21.68 -18.47 -26.55
C HIS A 255 20.23 -19.01 -26.61
N LEU A 256 19.42 -18.53 -25.66
CA LEU A 256 18.02 -18.94 -25.49
C LEU A 256 17.16 -17.69 -25.70
N GLU A 257 16.00 -17.84 -26.35
CA GLU A 257 15.10 -16.70 -26.56
C GLU A 257 13.64 -17.05 -26.31
N ALA A 258 12.98 -16.21 -25.51
CA ALA A 258 11.61 -16.41 -25.07
C ALA A 258 10.93 -15.08 -24.81
N GLY A 259 9.61 -15.09 -24.81
CA GLY A 259 8.81 -13.94 -24.39
C GLY A 259 9.02 -13.70 -22.90
N CYS A 260 9.19 -12.42 -22.55
CA CYS A 260 9.55 -12.04 -21.19
C CYS A 260 8.42 -12.32 -20.20
N ASP A 261 7.21 -11.90 -20.56
CA ASP A 261 6.04 -12.11 -19.70
C ASP A 261 5.71 -13.58 -19.52
N LEU A 262 5.71 -14.33 -20.63
CA LEU A 262 5.46 -15.78 -20.60
C LEU A 262 6.46 -16.47 -19.70
N LEU A 263 7.72 -16.05 -19.81
CA LEU A 263 8.79 -16.66 -19.03
C LEU A 263 8.63 -16.33 -17.55
N LYS A 264 8.33 -15.05 -17.29
CA LYS A 264 8.07 -14.56 -15.93
C LYS A 264 6.91 -15.29 -15.25
N GLN A 265 5.84 -15.52 -16.00
CA GLN A 265 4.65 -16.23 -15.51
C GLN A 265 5.00 -17.62 -15.03
N ALA A 266 5.79 -18.33 -15.83
CA ALA A 266 6.15 -19.72 -15.57
C ALA A 266 6.97 -19.86 -14.30
N PHE A 267 8.03 -19.07 -14.21
CA PHE A 267 8.92 -19.04 -13.05
C PHE A 267 8.11 -18.75 -11.79
N ALA A 268 7.24 -17.75 -11.87
CA ALA A 268 6.34 -17.38 -10.74
C ALA A 268 5.42 -18.53 -10.28
N ARG A 269 4.77 -19.20 -11.21
CA ARG A 269 3.95 -20.37 -10.88
C ARG A 269 4.78 -21.49 -10.24
N ALA A 270 5.90 -21.83 -10.89
CA ALA A 270 6.83 -22.86 -10.40
C ALA A 270 7.33 -22.55 -8.99
N ALA A 271 7.63 -21.28 -8.74
CA ALA A 271 8.08 -20.81 -7.42
C ALA A 271 7.13 -21.18 -6.28
N ILE A 272 5.84 -21.32 -6.56
CA ILE A 272 4.88 -21.61 -5.50
C ILE A 272 5.25 -22.92 -4.78
N LEU A 273 5.81 -23.87 -5.52
CA LEU A 273 6.14 -25.19 -4.95
C LEU A 273 7.65 -25.42 -4.77
N SER A 274 8.40 -24.32 -4.68
CA SER A 274 9.81 -24.39 -4.31
C SER A 274 9.97 -24.32 -2.80
N ASN A 275 11.14 -24.76 -2.32
CA ASN A 275 11.53 -24.60 -0.93
C ASN A 275 11.33 -23.14 -0.51
N GLU A 276 10.66 -22.93 0.61
CA GLU A 276 10.35 -21.55 1.08
C GLU A 276 11.60 -20.72 1.38
N LYS A 277 12.67 -21.37 1.86
CA LYS A 277 13.92 -20.68 2.21
C LYS A 277 14.82 -20.52 0.99
N PHE A 278 15.15 -21.64 0.36
CA PHE A 278 16.05 -21.65 -0.80
C PHE A 278 15.41 -21.05 -2.05
N ARG A 279 14.18 -21.46 -2.36
CA ARG A 279 13.41 -20.98 -3.53
C ARG A 279 14.03 -21.34 -4.88
N GLY A 280 14.68 -22.51 -4.93
CA GLY A 280 15.31 -22.99 -6.15
C GLY A 280 14.31 -23.53 -7.15
N VAL A 281 14.61 -23.33 -8.43
CA VAL A 281 13.91 -23.96 -9.53
C VAL A 281 14.98 -24.56 -10.44
N ARG A 282 14.71 -25.72 -11.04
CA ARG A 282 15.59 -26.30 -12.06
C ARG A 282 15.10 -25.88 -13.44
N LEU A 283 16.04 -25.54 -14.31
CA LEU A 283 15.76 -25.32 -15.73
C LEU A 283 16.39 -26.45 -16.52
N TYR A 284 15.66 -26.99 -17.48
CA TYR A 284 16.20 -27.98 -18.40
C TYR A 284 16.07 -27.38 -19.78
N VAL A 285 17.20 -27.10 -20.40
CA VAL A 285 17.20 -26.50 -21.73
C VAL A 285 17.54 -27.57 -22.76
N SER A 286 16.75 -27.56 -23.83
CA SER A 286 16.87 -28.51 -24.93
C SER A 286 16.37 -27.79 -26.16
N GLU A 287 16.60 -28.39 -27.32
CA GLU A 287 16.30 -27.71 -28.59
C GLU A 287 14.88 -27.11 -28.61
N ASN A 288 14.81 -25.80 -28.77
CA ASN A 288 13.52 -25.09 -28.82
C ASN A 288 12.54 -25.37 -27.68
N GLN A 289 13.05 -25.74 -26.51
CA GLN A 289 12.21 -26.06 -25.37
C GLN A 289 12.90 -25.73 -24.05
N LEU A 290 12.13 -25.11 -23.16
CA LEU A 290 12.57 -24.90 -21.79
C LEU A 290 11.55 -25.51 -20.84
N LYS A 291 12.05 -26.28 -19.90
CA LYS A 291 11.23 -26.86 -18.85
C LYS A 291 11.69 -26.31 -17.51
N ILE A 292 10.74 -25.92 -16.67
CA ILE A 292 11.06 -25.43 -15.32
C ILE A 292 10.36 -26.33 -14.32
N THR A 293 11.09 -26.83 -13.33
CA THR A 293 10.50 -27.61 -12.25
C THR A 293 10.87 -27.05 -10.90
N ALA A 294 9.97 -27.21 -9.95
CA ALA A 294 10.22 -26.86 -8.56
C ALA A 294 9.66 -27.94 -7.67
N ASN A 295 10.27 -28.13 -6.52
CA ASN A 295 9.71 -29.00 -5.51
C ASN A 295 10.23 -28.62 -4.14
N ASN A 296 9.52 -29.05 -3.11
CA ASN A 296 9.74 -28.61 -1.74
C ASN A 296 9.86 -29.83 -0.82
N PRO A 297 10.12 -29.60 0.49
CA PRO A 297 10.23 -30.73 1.42
C PRO A 297 8.99 -31.61 1.47
N GLU A 298 7.81 -31.01 1.28
CA GLU A 298 6.55 -31.76 1.34
C GLU A 298 6.29 -32.70 0.15
N GLN A 299 7.26 -32.78 -0.77
CA GLN A 299 7.18 -33.69 -1.94
C GLN A 299 6.19 -33.18 -3.00
N GLU A 300 5.79 -31.92 -2.87
CA GLU A 300 4.96 -31.26 -3.87
C GLU A 300 5.85 -30.83 -5.04
N GLU A 301 5.31 -30.90 -6.25
CA GLU A 301 6.08 -30.69 -7.46
C GLU A 301 5.35 -29.76 -8.41
N ALA A 302 6.12 -28.87 -9.04
CA ALA A 302 5.62 -28.05 -10.16
C ALA A 302 6.43 -28.35 -11.42
N GLU A 303 5.77 -28.25 -12.56
CA GLU A 303 6.45 -28.38 -13.85
C GLU A 303 5.82 -27.43 -14.87
N GLU A 304 6.66 -26.72 -15.63
CA GLU A 304 6.25 -25.79 -16.67
C GLU A 304 7.08 -26.06 -17.93
N ILE A 305 6.44 -26.07 -19.10
CA ILE A 305 7.13 -26.28 -20.37
C ILE A 305 6.77 -25.14 -21.33
N LEU A 306 7.78 -24.52 -21.93
CA LEU A 306 7.58 -23.41 -22.87
C LEU A 306 8.30 -23.67 -24.17
N ASP A 307 7.78 -23.05 -25.24
CA ASP A 307 8.50 -22.93 -26.50
C ASP A 307 9.51 -21.78 -26.41
N VAL A 308 10.73 -22.05 -26.86
CA VAL A 308 11.79 -21.05 -26.97
C VAL A 308 12.56 -21.25 -28.26
N THR A 309 13.37 -20.26 -28.62
CA THR A 309 14.34 -20.43 -29.68
C THR A 309 15.67 -20.76 -29.02
N TYR A 310 16.00 -22.05 -29.03
CA TYR A 310 17.27 -22.56 -28.53
C TYR A 310 17.87 -23.62 -29.46
N SER A 311 19.03 -23.30 -30.01
CA SER A 311 19.92 -24.30 -30.60
C SER A 311 21.10 -24.38 -29.64
N GLY A 312 21.79 -25.52 -29.61
CA GLY A 312 22.91 -25.71 -28.68
C GLY A 312 22.72 -26.91 -27.78
N ALA A 313 23.78 -27.29 -27.07
CA ALA A 313 23.76 -28.48 -26.22
C ALA A 313 22.71 -28.37 -25.12
N GLU A 314 22.16 -29.51 -24.73
CA GLU A 314 21.21 -29.60 -23.62
C GLU A 314 21.95 -29.45 -22.29
N MET A 315 21.32 -28.78 -21.33
CA MET A 315 21.89 -28.64 -20.00
C MET A 315 20.80 -28.40 -18.96
N GLU A 316 21.19 -28.53 -17.70
CA GLU A 316 20.30 -28.37 -16.56
C GLU A 316 20.98 -27.40 -15.62
N ILE A 317 20.23 -26.52 -14.98
CA ILE A 317 20.80 -25.51 -14.12
C ILE A 317 19.76 -24.99 -13.14
N GLY A 318 20.19 -24.81 -11.89
CA GLY A 318 19.32 -24.34 -10.82
C GLY A 318 19.51 -22.86 -10.52
N PHE A 319 18.42 -22.20 -10.15
CA PHE A 319 18.47 -20.81 -9.71
C PHE A 319 17.49 -20.53 -8.58
N ASN A 320 17.85 -19.56 -7.75
CA ASN A 320 16.91 -18.82 -6.92
C ASN A 320 15.93 -18.09 -7.86
N VAL A 321 14.62 -18.33 -7.69
CA VAL A 321 13.65 -17.78 -8.67
C VAL A 321 13.44 -16.27 -8.53
N SER A 322 13.57 -15.74 -7.31
CA SER A 322 13.33 -14.32 -7.10
C SER A 322 14.34 -13.45 -7.85
N TYR A 323 15.58 -13.92 -7.94
CA TYR A 323 16.61 -13.23 -8.73
C TYR A 323 16.24 -13.17 -10.20
N VAL A 324 15.77 -14.29 -10.74
CA VAL A 324 15.37 -14.34 -12.14
C VAL A 324 14.14 -13.45 -12.36
N LEU A 325 13.21 -13.48 -11.41
CA LEU A 325 12.01 -12.64 -11.50
C LEU A 325 12.35 -11.15 -11.41
N ASP A 326 13.27 -10.79 -10.52
CA ASP A 326 13.70 -9.40 -10.39
C ASP A 326 14.24 -8.93 -11.73
N VAL A 327 15.05 -9.77 -12.38
CA VAL A 327 15.58 -9.43 -13.72
C VAL A 327 14.46 -9.26 -14.74
N LEU A 328 13.58 -10.26 -14.86
CA LEU A 328 12.52 -10.23 -15.86
C LEU A 328 11.55 -9.05 -15.69
N ASN A 329 11.28 -8.69 -14.44
CA ASN A 329 10.49 -7.48 -14.14
C ASN A 329 11.22 -6.17 -14.39
N ALA A 330 12.55 -6.20 -14.30
CA ALA A 330 13.35 -5.00 -14.56
C ALA A 330 13.45 -4.75 -16.06
N LEU A 331 13.37 -5.81 -16.85
CA LEU A 331 13.56 -5.70 -18.30
C LEU A 331 12.42 -4.97 -19.02
N LYS A 332 11.17 -5.29 -18.71
CA LYS A 332 10.03 -4.59 -19.32
C LYS A 332 10.13 -4.58 -20.85
N CYS A 333 10.24 -5.76 -21.45
CA CYS A 333 10.40 -5.87 -22.89
C CYS A 333 9.60 -7.04 -23.46
N GLU A 334 9.64 -7.19 -24.77
CA GLU A 334 8.97 -8.30 -25.45
C GLU A 334 9.71 -9.62 -25.22
N ASN A 335 10.97 -9.67 -25.64
CA ASN A 335 11.75 -10.89 -25.57
C ASN A 335 13.02 -10.76 -24.74
N VAL A 336 13.44 -11.88 -24.19
CA VAL A 336 14.59 -11.95 -23.32
C VAL A 336 15.56 -12.95 -23.90
N ARG A 337 16.86 -12.66 -23.78
CA ARG A 337 17.90 -13.60 -24.18
C ARG A 337 18.55 -14.15 -22.93
N MET A 338 18.66 -15.47 -22.85
CA MET A 338 19.38 -16.12 -21.78
C MET A 338 20.66 -16.73 -22.36
N MET A 339 21.80 -16.36 -21.80
CA MET A 339 23.10 -16.68 -22.35
C MET A 339 23.86 -17.51 -21.34
N LEU A 340 24.15 -18.76 -21.71
CA LEU A 340 24.57 -19.78 -20.77
C LEU A 340 25.91 -20.35 -21.13
N THR A 341 26.57 -20.91 -20.12
CA THR A 341 27.88 -21.51 -20.27
C THR A 341 27.81 -22.99 -19.90
N ASP A 342 27.48 -23.26 -18.64
CA ASP A 342 27.28 -24.62 -18.15
C ASP A 342 26.54 -24.61 -16.82
N SER A 343 26.28 -25.79 -16.27
CA SER A 343 25.44 -25.93 -15.06
C SER A 343 26.01 -25.30 -13.79
N VAL A 344 27.32 -25.05 -13.74
CA VAL A 344 27.95 -24.49 -12.53
C VAL A 344 28.43 -23.05 -12.71
N SER A 345 27.98 -22.37 -13.76
CA SER A 345 28.50 -21.04 -14.08
C SER A 345 27.40 -20.02 -14.18
N SER A 346 27.76 -18.75 -14.00
CA SER A 346 26.77 -17.68 -14.02
C SER A 346 26.02 -17.66 -15.33
N VAL A 347 24.83 -17.06 -15.31
CA VAL A 347 24.04 -16.89 -16.52
C VAL A 347 23.81 -15.42 -16.78
N GLN A 348 23.84 -15.04 -18.05
CA GLN A 348 23.61 -13.66 -18.45
C GLN A 348 22.23 -13.58 -19.09
N ILE A 349 21.56 -12.46 -18.86
CA ILE A 349 20.20 -12.22 -19.34
C ILE A 349 20.10 -10.80 -19.86
N GLU A 350 19.53 -10.64 -21.05
CA GLU A 350 19.34 -9.33 -21.68
C GLU A 350 18.00 -9.26 -22.36
N ASP A 351 17.54 -8.04 -22.60
CA ASP A 351 16.52 -7.78 -23.61
C ASP A 351 17.07 -8.36 -24.90
N ALA A 352 16.28 -9.18 -25.58
CA ALA A 352 16.69 -9.71 -26.89
C ALA A 352 16.93 -8.58 -27.88
N ALA A 353 16.21 -7.46 -27.73
CA ALA A 353 16.31 -6.31 -28.61
C ALA A 353 17.30 -5.23 -28.16
N SER A 354 18.05 -5.47 -27.07
CA SER A 354 19.04 -4.49 -26.61
C SER A 354 20.19 -5.11 -25.81
N GLN A 355 21.42 -4.70 -26.14
CA GLN A 355 22.62 -5.12 -25.41
C GLN A 355 22.99 -4.07 -24.36
N SER A 356 22.13 -3.09 -24.21
CA SER A 356 22.37 -1.90 -23.41
C SER A 356 22.44 -2.20 -21.93
N ALA A 357 21.71 -3.22 -21.50
CA ALA A 357 21.79 -3.69 -20.12
C ALA A 357 22.03 -5.18 -20.13
N ALA A 358 22.69 -5.65 -19.07
CA ALA A 358 22.94 -7.05 -18.93
C ALA A 358 22.81 -7.41 -17.46
N TYR A 359 22.30 -8.60 -17.21
CA TYR A 359 22.05 -9.08 -15.86
C TYR A 359 22.74 -10.41 -15.70
N VAL A 360 23.42 -10.59 -14.57
CA VAL A 360 24.11 -11.85 -14.28
C VAL A 360 23.62 -12.45 -12.97
N VAL A 361 23.31 -13.75 -13.01
CA VAL A 361 22.83 -14.50 -11.86
C VAL A 361 23.63 -15.80 -11.69
N MET A 362 24.00 -16.12 -10.45
CA MET A 362 24.71 -17.37 -10.16
C MET A 362 23.74 -18.55 -10.05
N PRO A 363 24.21 -19.75 -10.43
CA PRO A 363 23.40 -20.94 -10.22
C PRO A 363 23.38 -21.35 -8.76
N MET A 364 22.48 -22.29 -8.44
CA MET A 364 22.23 -22.70 -7.07
C MET A 364 23.09 -23.88 -6.68
N MET B 1 -12.13 -38.16 -7.53
CA MET B 1 -12.58 -36.76 -7.70
C MET B 1 -11.91 -36.14 -8.92
N LYS B 2 -12.72 -35.52 -9.78
CA LYS B 2 -12.24 -34.99 -11.05
C LYS B 2 -13.14 -33.85 -11.52
N PHE B 3 -12.53 -32.74 -11.93
CA PHE B 3 -13.26 -31.66 -12.59
C PHE B 3 -12.34 -30.84 -13.50
N THR B 4 -12.93 -30.25 -14.54
CA THR B 4 -12.23 -29.29 -15.40
C THR B 4 -13.05 -28.00 -15.45
N VAL B 5 -12.45 -26.87 -15.09
CA VAL B 5 -13.18 -25.61 -14.94
C VAL B 5 -12.35 -24.41 -15.40
N GLU B 6 -13.00 -23.40 -15.96
CA GLU B 6 -12.31 -22.16 -16.35
C GLU B 6 -11.76 -21.44 -15.13
N ARG B 7 -10.50 -20.99 -15.27
CA ARG B 7 -9.81 -20.27 -14.21
C ARG B 7 -10.71 -19.21 -13.60
N GLU B 8 -11.41 -18.46 -14.46
CA GLU B 8 -12.17 -17.31 -14.00
C GLU B 8 -13.33 -17.69 -13.10
N HIS B 9 -13.89 -18.89 -13.29
CA HIS B 9 -15.01 -19.35 -12.47
C HIS B 9 -14.57 -19.84 -11.12
N LEU B 10 -13.26 -19.90 -10.91
CA LEU B 10 -12.70 -20.49 -9.71
C LEU B 10 -12.14 -19.43 -8.78
N LEU B 11 -11.80 -18.26 -9.33
CA LEU B 11 -11.07 -17.22 -8.59
C LEU B 11 -11.90 -16.52 -7.51
N LYS B 12 -13.07 -16.00 -7.91
CA LYS B 12 -13.96 -15.35 -6.93
C LYS B 12 -14.29 -16.29 -5.77
N PRO B 13 -14.73 -17.54 -6.07
CA PRO B 13 -14.91 -18.54 -5.00
C PRO B 13 -13.70 -18.77 -4.11
N LEU B 14 -12.51 -18.83 -4.71
CA LEU B 14 -11.27 -18.99 -3.95
C LEU B 14 -10.99 -17.79 -3.07
N GLN B 15 -11.26 -16.57 -3.56
CA GLN B 15 -11.13 -15.38 -2.71
C GLN B 15 -12.01 -15.50 -1.49
N GLN B 16 -13.28 -15.88 -1.70
CA GLN B 16 -14.27 -15.89 -0.63
C GLN B 16 -13.96 -16.92 0.45
N VAL B 17 -13.68 -18.15 0.03
CA VAL B 17 -13.42 -19.25 0.98
C VAL B 17 -12.05 -19.18 1.65
N SER B 18 -11.16 -18.33 1.13
CA SER B 18 -9.84 -18.11 1.74
C SER B 18 -9.89 -17.11 2.88
N GLY B 19 -10.84 -16.20 2.83
CA GLY B 19 -11.03 -15.18 3.85
C GLY B 19 -10.94 -15.66 5.30
N PRO B 20 -11.71 -16.70 5.67
CA PRO B 20 -11.73 -17.12 7.08
C PRO B 20 -10.38 -17.56 7.65
N LEU B 21 -9.56 -18.19 6.81
CA LEU B 21 -8.34 -18.88 7.25
C LEU B 21 -7.35 -18.03 8.05
N GLY B 22 -7.13 -18.39 9.33
CA GLY B 22 -6.14 -17.73 10.20
C GLY B 22 -4.72 -18.21 9.94
N GLY B 23 -3.75 -17.34 10.18
CA GLY B 23 -2.35 -17.56 9.77
C GLY B 23 -1.54 -18.62 10.52
N ARG B 24 -2.06 -19.13 11.63
CA ARG B 24 -1.35 -20.13 12.42
C ARG B 24 -2.33 -21.12 13.05
N PRO B 25 -2.89 -22.01 12.23
CA PRO B 25 -3.96 -22.89 12.67
C PRO B 25 -3.59 -23.92 13.74
N THR B 26 -4.57 -24.31 14.53
CA THR B 26 -4.42 -25.30 15.60
C THR B 26 -4.48 -26.74 15.07
N LEU B 27 -4.83 -26.88 13.79
CA LEU B 27 -4.81 -28.18 13.15
C LEU B 27 -4.22 -28.00 11.78
N PRO B 28 -3.59 -29.05 11.24
CA PRO B 28 -3.02 -28.96 9.90
C PRO B 28 -4.08 -28.66 8.83
N ILE B 29 -5.23 -29.30 8.94
CA ILE B 29 -6.26 -29.22 7.89
C ILE B 29 -6.93 -27.83 7.81
N LEU B 30 -6.76 -26.99 8.83
CA LEU B 30 -7.27 -25.61 8.80
C LEU B 30 -6.54 -24.68 7.84
N GLY B 31 -5.36 -25.09 7.37
CA GLY B 31 -4.68 -24.36 6.30
C GLY B 31 -5.21 -24.74 4.92
N ASN B 32 -5.96 -25.85 4.86
CA ASN B 32 -6.49 -26.35 3.60
C ASN B 32 -7.91 -25.88 3.28
N LEU B 33 -8.30 -26.02 2.03
CA LEU B 33 -9.69 -25.88 1.61
C LEU B 33 -10.27 -27.26 1.36
N LEU B 34 -11.51 -27.45 1.80
CA LEU B 34 -12.28 -28.64 1.48
C LEU B 34 -12.84 -28.49 0.07
N LEU B 35 -12.64 -29.51 -0.77
CA LEU B 35 -13.16 -29.55 -2.14
C LEU B 35 -14.09 -30.76 -2.32
N GLN B 36 -15.28 -30.54 -2.87
CA GLN B 36 -16.24 -31.63 -3.06
C GLN B 36 -16.88 -31.56 -4.43
N VAL B 37 -16.80 -32.64 -5.19
CA VAL B 37 -17.59 -32.78 -6.40
C VAL B 37 -18.79 -33.67 -6.08
N ALA B 38 -19.99 -33.13 -6.23
CA ALA B 38 -21.25 -33.87 -6.04
C ALA B 38 -22.38 -33.23 -6.84
N ASP B 39 -23.28 -34.07 -7.35
CA ASP B 39 -24.47 -33.63 -8.09
C ASP B 39 -24.17 -32.42 -8.96
N GLY B 40 -23.12 -32.55 -9.79
CA GLY B 40 -22.80 -31.56 -10.81
C GLY B 40 -22.22 -30.25 -10.30
N THR B 41 -21.68 -30.28 -9.08
CA THR B 41 -21.27 -29.07 -8.39
C THR B 41 -19.96 -29.26 -7.62
N LEU B 42 -19.06 -28.30 -7.76
CA LEU B 42 -17.87 -28.27 -6.93
C LEU B 42 -18.14 -27.26 -5.82
N SER B 43 -18.02 -27.70 -4.57
CA SER B 43 -18.07 -26.81 -3.41
C SER B 43 -16.69 -26.69 -2.77
N LEU B 44 -16.31 -25.45 -2.45
CA LEU B 44 -15.11 -25.16 -1.68
C LEU B 44 -15.51 -24.63 -0.31
N THR B 45 -14.84 -25.11 0.73
CA THR B 45 -15.06 -24.61 2.08
C THR B 45 -13.74 -24.26 2.73
N GLY B 46 -13.70 -23.09 3.35
CA GLY B 46 -12.61 -22.69 4.22
C GLY B 46 -13.23 -22.33 5.56
N THR B 47 -12.47 -22.58 6.63
CA THR B 47 -12.94 -22.30 7.98
C THR B 47 -11.78 -21.98 8.92
N ASP B 48 -12.11 -21.42 10.07
CA ASP B 48 -11.17 -21.27 11.17
C ASP B 48 -11.79 -21.77 12.48
N LEU B 49 -12.82 -22.62 12.37
CA LEU B 49 -13.64 -23.10 13.50
C LEU B 49 -14.60 -22.06 14.12
N GLU B 50 -14.28 -20.76 14.05
CA GLU B 50 -15.24 -19.72 14.47
C GLU B 50 -16.26 -19.47 13.38
N MET B 51 -15.76 -19.29 12.16
CA MET B 51 -16.59 -18.97 11.01
C MET B 51 -16.18 -19.78 9.80
N GLU B 52 -17.05 -19.78 8.79
CA GLU B 52 -16.96 -20.68 7.66
C GLU B 52 -17.54 -20.02 6.43
N MET B 53 -16.91 -20.23 5.28
CA MET B 53 -17.44 -19.79 4.00
C MET B 53 -17.45 -20.95 3.01
N VAL B 54 -18.62 -21.19 2.41
CA VAL B 54 -18.77 -22.17 1.36
C VAL B 54 -19.14 -21.49 0.05
N ALA B 55 -18.44 -21.84 -1.02
CA ALA B 55 -18.76 -21.38 -2.38
C ALA B 55 -19.12 -22.55 -3.29
N ARG B 56 -20.01 -22.29 -4.24
CA ARG B 56 -20.48 -23.31 -5.16
C ARG B 56 -20.20 -22.93 -6.59
N VAL B 57 -19.72 -23.90 -7.35
CA VAL B 57 -19.41 -23.74 -8.77
C VAL B 57 -20.09 -24.86 -9.52
N ALA B 58 -20.91 -24.49 -10.50
CA ALA B 58 -21.59 -25.46 -11.36
C ALA B 58 -20.57 -26.06 -12.32
N LEU B 59 -20.72 -27.35 -12.62
CA LEU B 59 -19.76 -28.06 -13.48
C LEU B 59 -20.39 -28.49 -14.82
N VAL B 60 -20.11 -27.74 -15.88
CA VAL B 60 -20.65 -28.03 -17.22
C VAL B 60 -19.71 -28.90 -18.07
N GLN B 61 -18.50 -29.16 -17.58
CA GLN B 61 -17.64 -30.14 -18.21
C GLN B 61 -17.74 -31.45 -17.41
N PRO B 62 -17.39 -32.59 -18.05
CA PRO B 62 -17.41 -33.87 -17.36
C PRO B 62 -16.66 -33.86 -16.03
N HIS B 63 -17.13 -34.66 -15.08
CA HIS B 63 -16.59 -34.67 -13.73
C HIS B 63 -16.82 -36.02 -13.10
N GLU B 64 -16.16 -36.24 -11.96
CA GLU B 64 -16.25 -37.50 -11.22
CA GLU B 64 -16.30 -37.49 -11.23
C GLU B 64 -16.33 -37.16 -9.73
N PRO B 65 -17.28 -37.76 -8.99
CA PRO B 65 -17.45 -37.33 -7.60
C PRO B 65 -16.28 -37.66 -6.67
N GLY B 66 -16.25 -36.97 -5.53
CA GLY B 66 -15.27 -37.26 -4.47
C GLY B 66 -14.96 -36.01 -3.67
N ALA B 67 -14.16 -36.15 -2.62
CA ALA B 67 -13.68 -35.00 -1.84
C ALA B 67 -12.28 -35.16 -1.27
N THR B 68 -11.64 -34.02 -1.05
CA THR B 68 -10.30 -33.97 -0.49
C THR B 68 -10.06 -32.54 0.00
N THR B 69 -8.92 -32.32 0.63
CA THR B 69 -8.52 -30.99 1.11
C THR B 69 -7.11 -30.65 0.61
N VAL B 70 -6.89 -29.41 0.17
CA VAL B 70 -5.57 -28.97 -0.32
C VAL B 70 -5.14 -27.70 0.37
N PRO B 71 -3.83 -27.45 0.43
CA PRO B 71 -3.37 -26.16 0.95
C PRO B 71 -4.02 -25.00 0.18
N ALA B 72 -4.65 -24.11 0.93
CA ALA B 72 -5.45 -23.02 0.36
C ALA B 72 -4.62 -22.00 -0.41
N ARG B 73 -3.59 -21.48 0.23
CA ARG B 73 -2.73 -20.40 -0.32
C ARG B 73 -2.14 -20.83 -1.66
N LYS B 74 -1.56 -22.03 -1.68
CA LYS B 74 -0.88 -22.56 -2.84
C LYS B 74 -1.82 -22.84 -4.01
N PHE B 75 -2.92 -23.52 -3.73
CA PHE B 75 -3.91 -23.83 -4.76
C PHE B 75 -4.51 -22.54 -5.35
N PHE B 76 -4.73 -21.53 -4.50
CA PHE B 76 -5.18 -20.21 -4.95
C PHE B 76 -4.12 -19.50 -5.80
N ASP B 77 -2.89 -19.48 -5.32
CA ASP B 77 -1.81 -18.85 -6.08
C ASP B 77 -1.62 -19.52 -7.46
N ILE B 78 -1.75 -20.85 -7.53
CA ILE B 78 -1.59 -21.56 -8.79
C ILE B 78 -2.65 -21.13 -9.79
N CYS B 79 -3.90 -21.16 -9.35
CA CYS B 79 -5.04 -20.78 -10.17
C CYS B 79 -4.96 -19.34 -10.59
N ARG B 80 -4.68 -18.45 -9.64
CA ARG B 80 -4.52 -17.05 -9.97
C ARG B 80 -3.30 -16.81 -10.89
N GLY B 81 -2.24 -17.60 -10.70
CA GLY B 81 -1.01 -17.44 -11.47
C GLY B 81 -1.11 -18.00 -12.88
N LEU B 82 -2.04 -18.92 -13.09
CA LEU B 82 -2.32 -19.46 -14.43
C LEU B 82 -2.89 -18.36 -15.34
N PRO B 83 -2.74 -18.53 -16.66
CA PRO B 83 -3.10 -17.46 -17.58
C PRO B 83 -4.60 -17.25 -17.77
N GLU B 84 -4.95 -16.04 -18.15
CA GLU B 84 -6.33 -15.61 -18.48
C GLU B 84 -7.05 -16.60 -19.43
N GLY B 85 -8.24 -17.03 -19.04
CA GLY B 85 -9.07 -17.93 -19.87
C GLY B 85 -8.58 -19.37 -19.91
N ALA B 86 -7.78 -19.75 -18.91
CA ALA B 86 -7.21 -21.09 -18.84
C ALA B 86 -8.26 -22.08 -18.35
N GLU B 87 -8.13 -23.33 -18.81
CA GLU B 87 -8.91 -24.46 -18.33
C GLU B 87 -8.10 -25.17 -17.27
N ILE B 88 -8.71 -25.43 -16.13
CA ILE B 88 -8.01 -26.00 -14.99
C ILE B 88 -8.54 -27.38 -14.68
N ALA B 89 -7.74 -28.40 -14.99
CA ALA B 89 -8.12 -29.80 -14.82
C ALA B 89 -7.55 -30.30 -13.51
N VAL B 90 -8.42 -30.77 -12.64
CA VAL B 90 -8.02 -31.25 -11.32
C VAL B 90 -8.39 -32.72 -11.19
N GLN B 91 -7.48 -33.52 -10.65
CA GLN B 91 -7.82 -34.89 -10.29
C GLN B 91 -7.04 -35.36 -9.08
N LEU B 92 -7.70 -36.20 -8.29
CA LEU B 92 -7.13 -36.73 -7.07
C LEU B 92 -6.41 -38.04 -7.43
N GLU B 93 -5.09 -38.06 -7.21
CA GLU B 93 -4.27 -39.24 -7.47
C GLU B 93 -3.53 -39.65 -6.19
N GLY B 94 -4.10 -40.60 -5.45
CA GLY B 94 -3.53 -41.02 -4.18
C GLY B 94 -3.69 -39.95 -3.12
N GLU B 95 -2.61 -39.66 -2.40
CA GLU B 95 -2.55 -38.55 -1.43
C GLU B 95 -2.03 -37.24 -2.07
N ARG B 96 -2.11 -37.15 -3.40
CA ARG B 96 -1.76 -35.93 -4.15
C ARG B 96 -3.00 -35.44 -4.91
N MET B 97 -3.13 -34.11 -5.02
CA MET B 97 -4.07 -33.55 -5.99
C MET B 97 -3.31 -32.97 -7.17
N LEU B 98 -3.70 -33.41 -8.37
CA LEU B 98 -3.05 -32.96 -9.60
C LEU B 98 -3.81 -31.79 -10.20
N VAL B 99 -3.08 -30.72 -10.48
CA VAL B 99 -3.65 -29.57 -11.15
C VAL B 99 -2.86 -29.39 -12.43
N ARG B 100 -3.55 -29.28 -13.55
CA ARG B 100 -2.86 -28.97 -14.78
C ARG B 100 -3.71 -28.20 -15.77
N SER B 101 -3.01 -27.56 -16.70
CA SER B 101 -3.58 -26.56 -17.58
C SER B 101 -2.53 -26.26 -18.63
N GLY B 102 -2.87 -26.45 -19.90
CA GLY B 102 -1.91 -26.28 -20.99
C GLY B 102 -0.75 -27.21 -20.74
N ARG B 103 0.42 -26.64 -20.48
CA ARG B 103 1.61 -27.43 -20.23
C ARG B 103 2.21 -27.17 -18.84
N SER B 104 1.38 -26.68 -17.92
CA SER B 104 1.77 -26.45 -16.54
C SER B 104 1.15 -27.55 -15.70
N ARG B 105 1.95 -28.20 -14.86
CA ARG B 105 1.45 -29.28 -14.01
C ARG B 105 1.91 -29.10 -12.59
N PHE B 106 0.99 -29.29 -11.65
CA PHE B 106 1.30 -29.15 -10.22
C PHE B 106 0.82 -30.37 -9.44
N SER B 107 1.59 -30.75 -8.43
CA SER B 107 1.23 -31.85 -7.54
C SER B 107 1.15 -31.29 -6.13
N LEU B 108 -0.06 -31.30 -5.57
CA LEU B 108 -0.34 -30.72 -4.27
C LEU B 108 -0.60 -31.80 -3.22
N SER B 109 -0.11 -31.56 -2.02
CA SER B 109 -0.28 -32.45 -0.90
C SER B 109 -1.73 -32.36 -0.42
N THR B 110 -2.30 -33.47 0.04
CA THR B 110 -3.66 -33.47 0.55
C THR B 110 -3.73 -33.87 2.03
N LEU B 111 -4.85 -33.49 2.65
CA LEU B 111 -5.33 -34.12 3.87
C LEU B 111 -6.75 -34.62 3.61
N PRO B 112 -7.18 -35.67 4.34
CA PRO B 112 -8.46 -36.31 4.01
C PRO B 112 -9.67 -35.48 4.41
N ALA B 113 -10.66 -35.47 3.54
CA ALA B 113 -11.89 -34.69 3.73
C ALA B 113 -12.65 -35.07 5.01
N ALA B 114 -12.52 -36.33 5.43
CA ALA B 114 -13.13 -36.82 6.68
C ALA B 114 -12.61 -36.12 7.95
N ASP B 115 -11.43 -35.50 7.88
CA ASP B 115 -10.87 -34.78 9.01
C ASP B 115 -11.24 -33.30 9.03
N PHE B 116 -11.92 -32.84 7.98
CA PHE B 116 -12.29 -31.43 7.88
C PHE B 116 -13.44 -31.11 8.86
N PRO B 117 -13.19 -30.14 9.77
CA PRO B 117 -14.11 -29.88 10.90
C PRO B 117 -15.30 -29.02 10.51
N ASN B 118 -16.51 -29.48 10.87
CA ASN B 118 -17.74 -28.73 10.63
C ASN B 118 -18.13 -27.88 11.83
N LEU B 119 -18.90 -26.82 11.57
CA LEU B 119 -19.45 -25.98 12.62
C LEU B 119 -20.61 -26.69 13.31
N ASP B 120 -20.85 -26.35 14.57
CA ASP B 120 -21.95 -26.91 15.34
C ASP B 120 -23.25 -26.70 14.56
N ASP B 121 -24.13 -27.71 14.58
CA ASP B 121 -25.45 -27.60 13.95
C ASP B 121 -26.32 -26.67 14.81
N TRP B 122 -27.23 -25.96 14.18
CA TRP B 122 -28.07 -25.00 14.91
C TRP B 122 -29.34 -24.71 14.15
N GLN B 123 -30.32 -24.09 14.82
CA GLN B 123 -31.61 -23.78 14.20
C GLN B 123 -31.78 -22.28 13.96
N SER B 124 -32.32 -21.94 12.80
CA SER B 124 -32.67 -20.57 12.48
C SER B 124 -33.93 -20.19 13.24
N GLU B 125 -33.91 -19.06 13.93
CA GLU B 125 -35.14 -18.54 14.54
C GLU B 125 -35.46 -17.07 14.20
N VAL B 126 -34.58 -16.41 13.45
CA VAL B 126 -34.91 -15.15 12.79
C VAL B 126 -34.35 -15.18 11.36
N GLU B 127 -35.18 -14.89 10.37
CA GLU B 127 -34.77 -14.87 8.97
C GLU B 127 -35.31 -13.66 8.26
N PHE B 128 -34.53 -13.13 7.34
CA PHE B 128 -35.03 -12.06 6.48
C PHE B 128 -34.13 -11.93 5.27
N THR B 129 -34.67 -11.28 4.25
CA THR B 129 -34.00 -11.05 2.99
C THR B 129 -33.93 -9.53 2.81
N LEU B 130 -32.92 -9.09 2.06
CA LEU B 130 -32.71 -7.69 1.76
C LEU B 130 -31.71 -7.51 0.62
N PRO B 131 -31.78 -6.38 -0.10
CA PRO B 131 -30.76 -6.05 -1.09
C PRO B 131 -29.37 -6.08 -0.48
N GLN B 132 -28.43 -6.66 -1.21
CA GLN B 132 -27.01 -6.62 -0.84
C GLN B 132 -26.54 -5.24 -0.47
N ALA B 133 -26.95 -4.25 -1.27
CA ALA B 133 -26.50 -2.86 -1.10
C ALA B 133 -26.92 -2.28 0.24
N THR B 134 -28.09 -2.70 0.72
CA THR B 134 -28.56 -2.26 2.03
C THR B 134 -27.64 -2.77 3.13
N MET B 135 -27.27 -4.06 3.07
CA MET B 135 -26.32 -4.62 4.03
C MET B 135 -24.96 -3.96 3.91
N LYS B 136 -24.53 -3.71 2.67
CA LYS B 136 -23.25 -3.08 2.40
C LYS B 136 -23.20 -1.69 3.05
N ARG B 137 -24.27 -0.91 2.87
CA ARG B 137 -24.34 0.42 3.45
C ARG B 137 -24.32 0.38 4.98
N LEU B 138 -25.14 -0.49 5.56
CA LEU B 138 -25.19 -0.64 7.02
C LEU B 138 -23.80 -0.87 7.63
N ILE B 139 -23.03 -1.77 7.01
CA ILE B 139 -21.73 -2.17 7.54
C ILE B 139 -20.69 -1.09 7.28
N GLU B 140 -20.64 -0.56 6.05
CA GLU B 140 -19.69 0.51 5.69
C GLU B 140 -19.85 1.74 6.56
N ALA B 141 -21.09 2.07 6.87
CA ALA B 141 -21.40 3.25 7.65
C ALA B 141 -20.89 3.19 9.08
N THR B 142 -20.66 2.00 9.63
CA THR B 142 -20.38 1.84 11.08
C THR B 142 -19.11 1.05 11.44
N GLN B 143 -18.65 0.21 10.52
CA GLN B 143 -17.52 -0.69 10.73
C GLN B 143 -16.30 -0.05 11.39
N PHE B 144 -15.95 1.17 10.97
CA PHE B 144 -14.75 1.84 11.48
C PHE B 144 -14.79 2.12 13.00
N SER B 145 -15.97 2.09 13.60
CA SER B 145 -16.13 2.43 15.02
C SER B 145 -16.10 1.22 15.95
N MET B 146 -16.00 0.02 15.39
CA MET B 146 -15.83 -1.20 16.17
C MET B 146 -14.51 -1.17 16.94
N ALA B 147 -14.51 -1.70 18.16
CA ALA B 147 -13.24 -1.90 18.86
C ALA B 147 -12.33 -2.88 18.09
N HIS B 148 -11.03 -2.74 18.32
CA HIS B 148 -10.02 -3.70 17.87
C HIS B 148 -9.40 -4.33 19.11
N GLN B 149 -9.76 -5.57 19.41
CA GLN B 149 -9.14 -6.31 20.52
C GLN B 149 -9.25 -5.60 21.87
N ASP B 150 -10.38 -4.95 22.13
CA ASP B 150 -10.62 -4.42 23.47
C ASP B 150 -10.83 -5.60 24.39
N VAL B 151 -10.50 -5.41 25.66
CA VAL B 151 -10.73 -6.42 26.68
C VAL B 151 -12.24 -6.62 26.89
N ARG B 152 -13.00 -5.54 26.70
CA ARG B 152 -14.46 -5.62 26.57
C ARG B 152 -14.79 -6.26 25.22
N TYR B 153 -14.72 -7.58 25.20
CA TYR B 153 -14.78 -8.40 24.00
C TYR B 153 -16.02 -8.18 23.12
N TYR B 154 -17.14 -7.90 23.76
CA TYR B 154 -18.39 -7.58 23.06
C TYR B 154 -18.34 -6.29 22.20
N LEU B 155 -17.32 -5.44 22.38
CA LEU B 155 -17.14 -4.25 21.53
C LEU B 155 -16.33 -4.56 20.26
N ASN B 156 -15.67 -5.72 20.24
CA ASN B 156 -14.88 -6.18 19.08
C ASN B 156 -15.81 -6.86 18.12
N GLY B 157 -16.75 -6.09 17.60
CA GLY B 157 -17.86 -6.64 16.82
C GLY B 157 -18.91 -5.59 16.56
N MET B 158 -19.98 -6.01 15.89
CA MET B 158 -21.02 -5.08 15.48
C MET B 158 -22.37 -5.62 15.93
N LEU B 159 -23.20 -4.74 16.49
CA LEU B 159 -24.53 -5.12 16.90
C LEU B 159 -25.38 -5.06 15.64
N PHE B 160 -26.13 -6.14 15.41
CA PHE B 160 -27.15 -6.17 14.40
C PHE B 160 -28.48 -6.24 15.13
N GLU B 161 -29.35 -5.29 14.84
CA GLU B 161 -30.61 -5.15 15.56
C GLU B 161 -31.79 -5.10 14.60
N THR B 162 -32.73 -6.01 14.80
CA THR B 162 -33.98 -5.99 14.05
C THR B 162 -35.08 -5.38 14.91
N GLU B 163 -35.85 -4.49 14.30
CA GLU B 163 -36.98 -3.88 14.97
C GLU B 163 -38.01 -3.45 13.92
N GLY B 164 -39.24 -3.91 14.08
CA GLY B 164 -40.32 -3.59 13.12
C GLY B 164 -39.95 -4.07 11.72
N GLU B 165 -39.71 -3.14 10.82
CA GLU B 165 -39.33 -3.46 9.45
C GLU B 165 -37.94 -2.97 9.07
N GLU B 166 -37.17 -2.54 10.06
CA GLU B 166 -35.84 -2.03 9.78
C GLU B 166 -34.75 -2.87 10.42
N LEU B 167 -33.58 -2.82 9.79
CA LEU B 167 -32.37 -3.43 10.32
C LEU B 167 -31.39 -2.33 10.69
N ARG B 168 -30.81 -2.47 11.87
CA ARG B 168 -29.91 -1.47 12.39
C ARG B 168 -28.57 -2.11 12.73
N THR B 169 -27.50 -1.37 12.44
CA THR B 169 -26.16 -1.72 12.89
C THR B 169 -25.69 -0.65 13.86
N VAL B 170 -24.94 -1.08 14.87
CA VAL B 170 -24.29 -0.18 15.82
C VAL B 170 -22.85 -0.65 16.05
N ALA B 171 -21.94 0.30 16.22
CA ALA B 171 -20.56 -0.01 16.57
C ALA B 171 -19.98 1.07 17.48
N THR B 172 -19.16 0.65 18.43
CA THR B 172 -18.43 1.58 19.30
C THR B 172 -17.21 0.90 19.93
N ASP B 173 -16.20 1.73 20.20
CA ASP B 173 -14.99 1.25 20.82
C ASP B 173 -14.92 1.69 22.28
N GLY B 174 -16.06 2.17 22.80
CA GLY B 174 -16.13 2.76 24.14
C GLY B 174 -15.97 4.27 24.15
N HIS B 175 -15.55 4.86 23.03
CA HIS B 175 -15.26 6.30 22.95
C HIS B 175 -16.14 7.05 21.95
N ARG B 176 -16.21 6.54 20.73
CA ARG B 176 -17.09 7.10 19.73
C ARG B 176 -18.06 6.02 19.25
N LEU B 177 -19.17 6.45 18.67
CA LEU B 177 -20.21 5.53 18.27
C LEU B 177 -20.72 5.83 16.87
N ALA B 178 -21.04 4.76 16.15
CA ALA B 178 -21.67 4.83 14.84
C ALA B 178 -22.93 3.95 14.84
N VAL B 179 -24.02 4.48 14.30
CA VAL B 179 -25.27 3.72 14.13
C VAL B 179 -25.83 3.98 12.73
N CYS B 180 -26.47 2.96 12.16
CA CYS B 180 -27.09 3.08 10.84
C CYS B 180 -28.33 2.20 10.76
N SER B 181 -29.47 2.78 10.36
CA SER B 181 -30.74 2.06 10.23
C SER B 181 -31.32 2.19 8.83
N MET B 182 -31.79 1.06 8.29
CA MET B 182 -32.39 0.98 6.96
C MET B 182 -33.64 0.12 7.02
N PRO B 183 -34.74 0.55 6.35
CA PRO B 183 -35.93 -0.29 6.27
C PRO B 183 -35.71 -1.38 5.23
N ILE B 184 -36.21 -2.58 5.50
CA ILE B 184 -35.99 -3.74 4.61
C ILE B 184 -37.27 -4.42 4.11
N GLY B 185 -38.43 -3.86 4.43
CA GLY B 185 -39.70 -4.31 3.85
C GLY B 185 -40.21 -5.66 4.32
N GLN B 186 -39.83 -6.07 5.53
CA GLN B 186 -40.28 -7.33 6.15
C GLN B 186 -40.59 -7.05 7.61
N SER B 187 -41.73 -7.53 8.10
CA SER B 187 -42.03 -7.43 9.51
C SER B 187 -41.07 -8.33 10.25
N LEU B 188 -40.31 -7.77 11.19
CA LEU B 188 -39.31 -8.53 11.94
C LEU B 188 -39.63 -8.50 13.42
N PRO B 189 -39.18 -9.52 14.16
CA PRO B 189 -39.23 -9.43 15.62
C PRO B 189 -38.16 -8.49 16.15
N SER B 190 -38.37 -7.98 17.37
CA SER B 190 -37.33 -7.20 18.04
C SER B 190 -36.23 -8.14 18.52
N HIS B 191 -35.06 -8.07 17.88
CA HIS B 191 -33.96 -8.97 18.18
C HIS B 191 -32.60 -8.29 18.04
N SER B 192 -31.62 -8.79 18.79
CA SER B 192 -30.30 -8.17 18.86
C SER B 192 -29.20 -9.22 18.92
N VAL B 193 -28.18 -9.11 18.07
CA VAL B 193 -26.97 -9.96 18.18
C VAL B 193 -25.69 -9.20 17.88
N ILE B 194 -24.57 -9.78 18.30
CA ILE B 194 -23.25 -9.20 18.10
C ILE B 194 -22.46 -10.10 17.17
N VAL B 195 -22.12 -9.61 15.99
CA VAL B 195 -21.27 -10.34 15.06
C VAL B 195 -19.80 -9.96 15.30
N PRO B 196 -18.91 -10.95 15.47
CA PRO B 196 -17.48 -10.65 15.71
C PRO B 196 -16.82 -9.92 14.55
N ARG B 197 -15.86 -9.04 14.85
CA ARG B 197 -15.37 -8.12 13.84
C ARG B 197 -14.84 -8.85 12.60
N LYS B 198 -14.15 -9.97 12.79
CA LYS B 198 -13.69 -10.78 11.66
C LYS B 198 -14.85 -11.32 10.82
N GLY B 199 -15.95 -11.68 11.48
CA GLY B 199 -17.18 -12.10 10.80
C GLY B 199 -17.81 -10.98 9.99
N VAL B 200 -17.79 -9.77 10.55
CA VAL B 200 -18.38 -8.61 9.88
C VAL B 200 -17.64 -8.31 8.57
N ILE B 201 -16.31 -8.42 8.61
CA ILE B 201 -15.47 -8.18 7.43
C ILE B 201 -15.71 -9.23 6.33
N GLU B 202 -15.78 -10.51 6.71
CA GLU B 202 -16.13 -11.58 5.74
C GLU B 202 -17.46 -11.30 5.06
N LEU B 203 -18.45 -10.93 5.86
CA LEU B 203 -19.78 -10.64 5.36
C LEU B 203 -19.70 -9.47 4.38
N MET B 204 -19.10 -8.39 4.82
CA MET B 204 -18.95 -7.21 3.97
CA MET B 204 -18.88 -7.20 4.00
C MET B 204 -18.29 -7.60 2.65
N ARG B 205 -17.19 -8.34 2.72
CA ARG B 205 -16.44 -8.72 1.54
C ARG B 205 -17.09 -9.83 0.72
N MET B 206 -18.10 -10.51 1.27
CA MET B 206 -18.87 -11.47 0.46
C MET B 206 -19.95 -10.82 -0.40
N LEU B 207 -20.17 -9.52 -0.24
CA LEU B 207 -21.18 -8.80 -1.03
C LEU B 207 -20.48 -8.13 -2.20
N ASP B 208 -20.80 -8.60 -3.40
CA ASP B 208 -20.10 -8.18 -4.61
C ASP B 208 -20.74 -7.00 -5.33
N GLY B 209 -21.64 -6.29 -4.66
CA GLY B 209 -22.31 -5.14 -5.26
C GLY B 209 -23.26 -5.47 -6.40
N GLY B 210 -23.66 -6.74 -6.52
CA GLY B 210 -24.49 -7.21 -7.64
C GLY B 210 -25.95 -7.34 -7.26
N ASP B 211 -26.74 -8.00 -8.12
CA ASP B 211 -28.20 -8.04 -8.00
C ASP B 211 -28.76 -9.23 -7.23
N ASN B 212 -27.90 -10.15 -6.82
CA ASN B 212 -28.33 -11.29 -6.03
C ASN B 212 -28.84 -10.79 -4.67
N PRO B 213 -30.03 -11.23 -4.23
CA PRO B 213 -30.45 -10.83 -2.90
C PRO B 213 -29.67 -11.56 -1.82
N LEU B 214 -29.66 -10.98 -0.63
CA LEU B 214 -28.99 -11.55 0.51
C LEU B 214 -30.05 -12.04 1.49
N ARG B 215 -29.91 -13.30 1.92
CA ARG B 215 -30.79 -13.89 2.89
C ARG B 215 -29.99 -14.09 4.16
N VAL B 216 -30.56 -13.68 5.29
CA VAL B 216 -29.87 -13.80 6.56
C VAL B 216 -30.66 -14.70 7.51
N GLN B 217 -29.94 -15.57 8.20
CA GLN B 217 -30.54 -16.43 9.23
C GLN B 217 -29.76 -16.25 10.52
N ILE B 218 -30.51 -16.03 11.59
CA ILE B 218 -29.93 -15.82 12.92
C ILE B 218 -30.50 -16.84 13.90
N GLY B 219 -29.60 -17.57 14.54
CA GLY B 219 -29.94 -18.48 15.63
C GLY B 219 -29.43 -17.90 16.92
N SER B 220 -29.44 -18.70 17.97
CA SER B 220 -29.03 -18.24 19.33
C SER B 220 -27.56 -17.85 19.44
N ASN B 221 -26.70 -18.61 18.79
CA ASN B 221 -25.26 -18.43 18.92
C ASN B 221 -24.58 -18.33 17.56
N ASN B 222 -25.38 -18.20 16.52
CA ASN B 222 -24.88 -18.23 15.15
C ASN B 222 -25.65 -17.30 14.23
N ILE B 223 -24.97 -16.91 13.17
CA ILE B 223 -25.60 -16.16 12.10
C ILE B 223 -25.09 -16.74 10.78
N ARG B 224 -25.94 -16.68 9.76
CA ARG B 224 -25.58 -17.13 8.42
C ARG B 224 -26.07 -16.16 7.36
N ALA B 225 -25.23 -15.91 6.37
CA ALA B 225 -25.60 -15.10 5.21
C ALA B 225 -25.43 -15.89 3.91
N HIS B 226 -26.46 -15.85 3.08
CA HIS B 226 -26.51 -16.57 1.80
C HIS B 226 -26.75 -15.57 0.69
N VAL B 227 -25.83 -15.49 -0.25
CA VAL B 227 -26.02 -14.67 -1.43
C VAL B 227 -25.48 -15.42 -2.63
N GLY B 228 -26.32 -15.54 -3.67
CA GLY B 228 -25.99 -16.29 -4.87
C GLY B 228 -25.35 -17.63 -4.55
N ASP B 229 -24.11 -17.82 -5.01
CA ASP B 229 -23.38 -19.08 -4.86
C ASP B 229 -22.54 -19.19 -3.57
N PHE B 230 -22.68 -18.22 -2.66
CA PHE B 230 -21.85 -18.15 -1.44
C PHE B 230 -22.68 -18.23 -0.17
N ILE B 231 -22.19 -19.00 0.80
CA ILE B 231 -22.86 -19.18 2.08
C ILE B 231 -21.85 -18.98 3.19
N PHE B 232 -22.02 -17.90 3.94
CA PHE B 232 -21.15 -17.59 5.06
C PHE B 232 -21.85 -17.89 6.37
N THR B 233 -21.12 -18.47 7.32
CA THR B 233 -21.64 -18.83 8.63
C THR B 233 -20.62 -18.41 9.69
N SER B 234 -21.10 -17.82 10.78
CA SER B 234 -20.24 -17.39 11.90
C SER B 234 -20.92 -17.52 13.25
N LYS B 235 -20.13 -17.76 14.29
CA LYS B 235 -20.61 -17.62 15.67
C LYS B 235 -20.89 -16.17 16.01
N LEU B 236 -21.85 -15.96 16.89
CA LEU B 236 -22.10 -14.65 17.48
C LEU B 236 -21.17 -14.43 18.70
N VAL B 237 -21.05 -13.19 19.14
CA VAL B 237 -20.33 -12.89 20.37
C VAL B 237 -21.34 -12.94 21.50
N ASP B 238 -21.04 -13.75 22.50
CA ASP B 238 -21.94 -13.96 23.61
C ASP B 238 -21.62 -12.96 24.72
N GLY B 239 -22.22 -11.78 24.62
CA GLY B 239 -22.05 -10.71 25.60
C GLY B 239 -23.20 -9.73 25.49
N ARG B 240 -23.21 -8.73 26.36
CA ARG B 240 -24.24 -7.70 26.34
C ARG B 240 -23.69 -6.39 25.76
N PHE B 241 -24.39 -5.87 24.75
CA PHE B 241 -23.97 -4.64 24.07
C PHE B 241 -24.59 -3.40 24.71
N PRO B 242 -23.81 -2.29 24.83
CA PRO B 242 -24.38 -1.04 25.35
C PRO B 242 -25.60 -0.53 24.58
N ASP B 243 -26.46 0.24 25.23
CA ASP B 243 -27.63 0.81 24.57
C ASP B 243 -27.23 2.13 23.90
N TYR B 244 -27.37 2.16 22.56
CA TYR B 244 -26.91 3.31 21.79
C TYR B 244 -27.75 4.54 22.08
N ARG B 245 -29.02 4.30 22.40
CA ARG B 245 -29.98 5.36 22.70
C ARG B 245 -29.57 6.23 23.88
N ARG B 246 -28.72 5.70 24.77
CA ARG B 246 -28.28 6.44 25.95
C ARG B 246 -27.23 7.50 25.63
N VAL B 247 -26.40 7.25 24.62
CA VAL B 247 -25.32 8.17 24.28
C VAL B 247 -25.81 9.30 23.39
N LEU B 248 -26.89 9.07 22.64
CA LEU B 248 -27.42 10.08 21.72
C LEU B 248 -27.81 11.35 22.50
N PRO B 249 -27.27 12.51 22.09
CA PRO B 249 -27.63 13.77 22.76
C PRO B 249 -29.11 14.10 22.74
N LYS B 250 -29.66 14.49 23.88
CA LYS B 250 -31.08 14.83 23.98
C LYS B 250 -31.37 16.22 23.45
N ASN B 251 -32.19 16.31 22.40
CA ASN B 251 -32.70 17.59 21.88
C ASN B 251 -31.57 18.61 21.60
N PRO B 252 -30.55 18.21 20.84
CA PRO B 252 -29.57 19.24 20.46
C PRO B 252 -30.26 20.29 19.60
N ASP B 253 -30.11 21.55 19.97
CA ASP B 253 -30.87 22.64 19.34
C ASP B 253 -30.02 23.56 18.47
N LYS B 254 -28.72 23.29 18.38
CA LYS B 254 -27.79 24.11 17.62
C LYS B 254 -27.19 23.33 16.45
N HIS B 255 -27.85 23.37 15.30
CA HIS B 255 -27.42 22.64 14.14
C HIS B 255 -26.55 23.50 13.24
N LEU B 256 -25.37 22.98 12.94
CA LEU B 256 -24.43 23.61 12.03
C LEU B 256 -24.38 22.76 10.76
N GLU B 257 -24.48 23.40 9.60
CA GLU B 257 -24.34 22.70 8.32
C GLU B 257 -23.23 23.28 7.49
N ALA B 258 -22.45 22.41 6.88
CA ALA B 258 -21.34 22.81 6.01
C ALA B 258 -20.99 21.73 4.99
N GLY B 259 -20.30 22.15 3.94
CA GLY B 259 -19.79 21.23 2.93
C GLY B 259 -18.87 20.23 3.59
N CYS B 260 -19.13 18.95 3.34
CA CYS B 260 -18.35 17.89 3.98
C CYS B 260 -16.85 18.03 3.66
N ASP B 261 -16.50 18.16 2.39
CA ASP B 261 -15.07 18.28 2.00
C ASP B 261 -14.37 19.50 2.64
N LEU B 262 -15.01 20.66 2.58
CA LEU B 262 -14.46 21.89 3.16
C LEU B 262 -14.25 21.75 4.67
N LEU B 263 -15.19 21.13 5.35
CA LEU B 263 -15.05 20.92 6.79
C LEU B 263 -13.93 19.92 7.07
N LYS B 264 -13.79 18.95 6.16
CA LYS B 264 -12.84 17.86 6.30
C LYS B 264 -11.41 18.38 6.13
N GLN B 265 -11.19 19.13 5.06
CA GLN B 265 -9.86 19.71 4.79
C GLN B 265 -9.41 20.68 5.89
N ALA B 266 -10.35 21.42 6.45
CA ALA B 266 -10.05 22.35 7.54
C ALA B 266 -9.61 21.61 8.81
N PHE B 267 -10.38 20.60 9.21
CA PHE B 267 -10.00 19.71 10.33
C PHE B 267 -8.70 18.97 10.05
N ALA B 268 -8.47 18.61 8.80
CA ALA B 268 -7.28 17.83 8.42
C ALA B 268 -6.00 18.68 8.57
N ARG B 269 -6.04 19.92 8.12
CA ARG B 269 -4.92 20.88 8.35
C ARG B 269 -4.75 21.23 9.82
N ALA B 270 -5.84 21.56 10.50
CA ALA B 270 -5.79 21.85 11.94
C ALA B 270 -5.14 20.71 12.73
N ALA B 271 -5.44 19.47 12.35
CA ALA B 271 -4.95 18.27 13.04
C ALA B 271 -3.42 18.16 13.03
N ILE B 272 -2.80 18.68 11.98
CA ILE B 272 -1.33 18.64 11.88
C ILE B 272 -0.66 19.19 13.16
N LEU B 273 -1.26 20.23 13.75
CA LEU B 273 -0.71 20.90 14.93
C LEU B 273 -1.54 20.63 16.19
N SER B 274 -2.27 19.52 16.18
CA SER B 274 -2.94 19.01 17.35
C SER B 274 -1.99 18.07 18.12
N ASN B 275 -2.31 17.83 19.39
CA ASN B 275 -1.61 16.85 20.21
C ASN B 275 -1.67 15.49 19.53
N GLU B 276 -0.53 14.83 19.36
CA GLU B 276 -0.45 13.58 18.60
C GLU B 276 -1.13 12.40 19.31
N LYS B 277 -1.25 12.50 20.63
CA LYS B 277 -1.84 11.43 21.44
C LYS B 277 -3.34 11.61 21.63
N PHE B 278 -3.76 12.84 21.97
CA PHE B 278 -5.14 13.11 22.37
C PHE B 278 -5.92 13.95 21.37
N ARG B 279 -5.21 14.55 20.41
CA ARG B 279 -5.81 15.04 19.17
C ARG B 279 -6.99 15.99 19.33
N GLY B 280 -6.95 16.79 20.39
CA GLY B 280 -8.02 17.70 20.70
C GLY B 280 -7.94 18.96 19.86
N VAL B 281 -9.10 19.35 19.30
CA VAL B 281 -9.26 20.63 18.59
C VAL B 281 -10.48 21.38 19.12
N ARG B 282 -10.46 22.71 19.02
CA ARG B 282 -11.53 23.56 19.57
C ARG B 282 -12.37 24.15 18.46
N LEU B 283 -13.69 24.09 18.60
CA LEU B 283 -14.61 24.76 17.70
C LEU B 283 -15.14 26.00 18.38
N TYR B 284 -15.07 27.12 17.68
CA TYR B 284 -15.77 28.34 18.08
C TYR B 284 -16.82 28.56 17.00
N VAL B 285 -18.09 28.50 17.39
CA VAL B 285 -19.18 28.68 16.43
C VAL B 285 -19.98 29.95 16.71
N SER B 286 -20.26 30.68 15.63
CA SER B 286 -20.98 31.95 15.67
C SER B 286 -21.79 32.05 14.39
N GLU B 287 -22.52 33.16 14.22
CA GLU B 287 -23.48 33.28 13.12
C GLU B 287 -22.85 33.01 11.76
N ASN B 288 -23.22 31.88 11.18
CA ASN B 288 -22.73 31.45 9.87
C ASN B 288 -21.20 31.38 9.76
N GLN B 289 -20.55 31.07 10.87
CA GLN B 289 -19.10 30.98 10.87
C GLN B 289 -18.62 29.95 11.86
N LEU B 290 -17.55 29.26 11.48
CA LEU B 290 -16.89 28.30 12.37
C LEU B 290 -15.40 28.59 12.38
N LYS B 291 -14.83 28.66 13.58
CA LYS B 291 -13.39 28.76 13.74
C LYS B 291 -12.85 27.51 14.47
N ILE B 292 -11.85 26.89 13.87
CA ILE B 292 -11.23 25.69 14.40
C ILE B 292 -9.80 26.04 14.79
N THR B 293 -9.43 25.76 16.04
CA THR B 293 -8.06 25.93 16.49
C THR B 293 -7.49 24.63 17.05
N ALA B 294 -6.18 24.47 16.92
CA ALA B 294 -5.46 23.34 17.47
C ALA B 294 -4.10 23.82 17.97
N ASN B 295 -3.61 23.22 19.04
CA ASN B 295 -2.22 23.41 19.43
C ASN B 295 -1.67 22.12 20.02
N ASN B 296 -0.35 22.01 20.04
CA ASN B 296 0.35 20.84 20.53
C ASN B 296 1.25 21.22 21.70
N PRO B 297 1.91 20.24 22.36
CA PRO B 297 2.77 20.58 23.50
C PRO B 297 3.91 21.55 23.16
N GLU B 298 4.33 21.55 21.90
CA GLU B 298 5.38 22.43 21.40
C GLU B 298 4.87 23.86 21.12
N GLN B 299 3.62 24.15 21.50
CA GLN B 299 2.97 25.46 21.33
C GLN B 299 2.83 25.98 19.89
N GLU B 300 2.95 25.10 18.92
CA GLU B 300 2.61 25.42 17.54
C GLU B 300 1.11 25.49 17.44
N GLU B 301 0.60 26.30 16.51
CA GLU B 301 -0.82 26.65 16.49
C GLU B 301 -1.41 26.67 15.08
N ALA B 302 -2.63 26.18 14.98
CA ALA B 302 -3.40 26.21 13.75
C ALA B 302 -4.71 26.92 14.01
N GLU B 303 -5.20 27.62 13.00
CA GLU B 303 -6.53 28.20 13.03
C GLU B 303 -7.13 28.11 11.64
N GLU B 304 -8.40 27.72 11.59
CA GLU B 304 -9.16 27.63 10.35
C GLU B 304 -10.51 28.34 10.51
N ILE B 305 -10.87 29.17 9.54
CA ILE B 305 -12.18 29.85 9.55
C ILE B 305 -12.91 29.50 8.27
N LEU B 306 -14.16 29.07 8.42
CA LEU B 306 -15.00 28.75 7.29
C LEU B 306 -16.35 29.40 7.46
N ASP B 307 -17.03 29.57 6.34
CA ASP B 307 -18.42 29.94 6.29
C ASP B 307 -19.28 28.68 6.43
N VAL B 308 -20.30 28.76 7.30
CA VAL B 308 -21.25 27.65 7.50
C VAL B 308 -22.66 28.19 7.58
N THR B 309 -23.64 27.29 7.59
CA THR B 309 -24.99 27.66 7.97
C THR B 309 -25.08 27.40 9.46
N TYR B 310 -25.25 28.47 10.22
CA TYR B 310 -25.44 28.39 11.67
C TYR B 310 -26.06 29.68 12.20
N SER B 311 -27.22 29.54 12.86
CA SER B 311 -27.98 30.69 13.35
C SER B 311 -28.17 30.70 14.86
N GLY B 312 -27.84 29.61 15.54
CA GLY B 312 -28.03 29.52 16.99
C GLY B 312 -27.10 30.37 17.83
N ALA B 313 -27.07 30.06 19.13
CA ALA B 313 -26.27 30.83 20.08
C ALA B 313 -24.79 30.51 19.90
N GLU B 314 -23.95 31.48 20.23
CA GLU B 314 -22.51 31.27 20.15
C GLU B 314 -22.11 30.26 21.21
N MET B 315 -21.16 29.39 20.87
CA MET B 315 -20.64 28.41 21.82
C MET B 315 -19.29 27.84 21.39
N GLU B 316 -18.64 27.21 22.36
CA GLU B 316 -17.35 26.55 22.19
CA GLU B 316 -17.36 26.55 22.17
C GLU B 316 -17.52 25.07 22.52
N ILE B 317 -16.64 24.24 21.97
CA ILE B 317 -16.61 22.81 22.30
C ILE B 317 -15.34 22.17 21.70
N GLY B 318 -14.80 21.17 22.39
CA GLY B 318 -13.62 20.47 21.94
C GLY B 318 -13.97 19.05 21.58
N PHE B 319 -13.21 18.49 20.64
CA PHE B 319 -13.36 17.10 20.17
C PHE B 319 -12.03 16.49 19.81
N ASN B 320 -12.00 15.17 19.78
CA ASN B 320 -10.93 14.42 19.17
C ASN B 320 -11.08 14.52 17.65
N VAL B 321 -10.10 15.18 17.00
CA VAL B 321 -10.17 15.43 15.56
C VAL B 321 -10.05 14.16 14.71
N SER B 322 -9.35 13.14 15.19
CA SER B 322 -9.30 11.86 14.45
C SER B 322 -10.68 11.22 14.35
N TYR B 323 -11.42 11.23 15.45
CA TYR B 323 -12.79 10.70 15.46
C TYR B 323 -13.70 11.47 14.52
N VAL B 324 -13.55 12.79 14.50
CA VAL B 324 -14.36 13.63 13.61
C VAL B 324 -14.00 13.35 12.15
N LEU B 325 -12.74 13.18 11.86
CA LEU B 325 -12.31 12.90 10.49
C LEU B 325 -12.79 11.51 10.03
N ASP B 326 -12.69 10.52 10.91
CA ASP B 326 -13.23 9.18 10.64
C ASP B 326 -14.69 9.24 10.24
N VAL B 327 -15.45 10.08 10.93
CA VAL B 327 -16.86 10.28 10.63
C VAL B 327 -17.05 10.95 9.28
N LEU B 328 -16.31 12.02 9.04
CA LEU B 328 -16.43 12.77 7.79
C LEU B 328 -16.02 11.93 6.59
N ASN B 329 -15.01 11.08 6.77
CA ASN B 329 -14.55 10.15 5.72
C ASN B 329 -15.53 9.02 5.44
N ALA B 330 -16.21 8.53 6.47
CA ALA B 330 -17.25 7.52 6.29
C ALA B 330 -18.49 8.09 5.61
N LEU B 331 -18.75 9.38 5.82
CA LEU B 331 -19.94 10.03 5.26
C LEU B 331 -19.86 10.25 3.76
N LYS B 332 -18.76 10.82 3.27
CA LYS B 332 -18.56 11.02 1.82
C LYS B 332 -19.83 11.58 1.15
N CYS B 333 -20.34 12.68 1.67
CA CYS B 333 -21.57 13.29 1.17
C CYS B 333 -21.32 14.76 0.84
N GLU B 334 -22.31 15.42 0.26
CA GLU B 334 -22.16 16.83 -0.08
C GLU B 334 -22.07 17.67 1.18
N ASN B 335 -23.07 17.51 2.06
CA ASN B 335 -23.24 18.38 3.22
C ASN B 335 -23.41 17.59 4.50
N VAL B 336 -22.78 18.09 5.56
CA VAL B 336 -22.82 17.45 6.87
C VAL B 336 -23.61 18.32 7.84
N ARG B 337 -24.26 17.67 8.81
CA ARG B 337 -24.98 18.34 9.88
C ARG B 337 -24.31 17.98 11.21
N MET B 338 -23.95 19.00 11.98
CA MET B 338 -23.40 18.80 13.34
C MET B 338 -24.41 19.34 14.33
N MET B 339 -24.90 18.44 15.17
CA MET B 339 -26.02 18.73 16.05
C MET B 339 -25.47 18.97 17.44
N LEU B 340 -25.39 20.26 17.79
CA LEU B 340 -24.70 20.74 18.99
C LEU B 340 -25.66 21.17 20.08
N THR B 341 -25.18 21.09 21.32
CA THR B 341 -25.92 21.52 22.50
C THR B 341 -25.11 22.57 23.27
N ASP B 342 -23.95 22.16 23.80
CA ASP B 342 -23.09 23.03 24.61
C ASP B 342 -21.70 22.40 24.81
N SER B 343 -20.81 23.10 25.51
CA SER B 343 -19.41 22.69 25.64
C SER B 343 -19.20 21.40 26.44
N VAL B 344 -20.20 20.98 27.23
CA VAL B 344 -20.09 19.78 28.06
C VAL B 344 -20.90 18.57 27.59
N SER B 345 -21.53 18.67 26.42
CA SER B 345 -22.31 17.58 25.86
C SER B 345 -21.63 17.04 24.61
N SER B 346 -22.04 15.84 24.21
CA SER B 346 -21.48 15.20 23.03
C SER B 346 -22.10 15.82 21.79
N VAL B 347 -21.59 15.42 20.63
CA VAL B 347 -22.09 15.92 19.35
C VAL B 347 -22.53 14.75 18.51
N GLN B 348 -23.62 14.94 17.78
CA GLN B 348 -24.10 13.94 16.85
C GLN B 348 -23.94 14.47 15.44
N ILE B 349 -23.32 13.65 14.60
CA ILE B 349 -23.02 14.03 13.23
C ILE B 349 -23.76 13.13 12.25
N GLU B 350 -24.31 13.74 11.20
CA GLU B 350 -25.06 13.06 10.15
C GLU B 350 -24.81 13.71 8.80
N ASP B 351 -25.19 13.02 7.74
CA ASP B 351 -25.37 13.62 6.42
C ASP B 351 -26.50 14.64 6.60
N ALA B 352 -26.31 15.84 6.10
CA ALA B 352 -27.36 16.87 6.18
C ALA B 352 -28.65 16.36 5.54
N ALA B 353 -28.51 15.57 4.48
CA ALA B 353 -29.64 15.13 3.69
C ALA B 353 -30.28 13.80 4.16
N SER B 354 -29.82 13.20 5.26
CA SER B 354 -30.27 11.85 5.62
C SER B 354 -29.98 11.49 7.08
N GLN B 355 -31.00 11.03 7.79
CA GLN B 355 -30.84 10.63 9.19
C GLN B 355 -30.54 9.14 9.35
N SER B 356 -30.38 8.41 8.26
CA SER B 356 -30.18 6.96 8.34
C SER B 356 -28.94 6.58 9.15
N ALA B 357 -27.83 7.31 8.98
CA ALA B 357 -26.62 7.12 9.78
C ALA B 357 -26.33 8.29 10.73
N ALA B 358 -25.97 7.95 11.97
CA ALA B 358 -25.66 8.94 12.99
C ALA B 358 -24.38 8.59 13.71
N TYR B 359 -23.59 9.60 14.05
CA TYR B 359 -22.31 9.36 14.69
C TYR B 359 -22.20 10.22 15.93
N VAL B 360 -21.68 9.67 17.01
CA VAL B 360 -21.60 10.41 18.29
C VAL B 360 -20.16 10.52 18.81
N VAL B 361 -19.72 11.75 19.02
CA VAL B 361 -18.39 12.03 19.57
C VAL B 361 -18.50 12.80 20.91
N MET B 362 -17.59 12.48 21.84
CA MET B 362 -17.56 13.06 23.19
C MET B 362 -16.93 14.47 23.18
N PRO B 363 -17.34 15.33 24.12
CA PRO B 363 -16.68 16.62 24.24
C PRO B 363 -15.30 16.48 24.89
N MET B 364 -14.37 17.33 24.47
CA MET B 364 -13.09 17.46 25.15
C MET B 364 -13.00 18.86 25.72
N ARG B 365 -12.49 18.97 26.94
CA ARG B 365 -12.25 20.28 27.56
C ARG B 365 -10.85 20.72 27.12
N LEU B 366 -10.82 21.53 26.04
CA LEU B 366 -9.61 21.87 25.26
C LEU B 366 -9.30 20.85 24.12
C1 PEG C . 32.79 -20.43 -16.53
O1 PEG C . 33.93 -20.12 -17.37
C2 PEG C . 33.02 -21.75 -15.81
O2 PEG C . 33.24 -21.48 -14.43
C3 PEG C . 33.60 -22.62 -13.64
C4 PEG C . 32.31 -23.09 -12.97
O4 PEG C . 32.00 -22.29 -11.83
C1 PEG D . 31.25 22.04 -5.96
O1 PEG D . 31.65 22.93 -6.99
C2 PEG D . 31.60 22.60 -4.59
O2 PEG D . 30.53 23.41 -4.13
C3 PEG D . 30.28 23.31 -2.73
C4 PEG D . 29.31 24.40 -2.29
O4 PEG D . 28.20 24.45 -3.17
C1 PEG E . 34.95 -1.96 -18.84
O1 PEG E . 34.10 -1.52 -19.91
C2 PEG E . 35.51 -0.80 -18.04
O2 PEG E . 36.12 -1.33 -16.87
C3 PEG E . 35.29 -1.28 -15.70
C4 PEG E . 35.32 -2.61 -14.95
O4 PEG E . 35.57 -2.40 -13.56
C1 PEG F . 8.59 29.72 -9.26
O1 PEG F . 8.13 30.88 -9.97
C2 PEG F . 9.66 28.95 -10.02
O2 PEG F . 10.98 29.41 -9.67
C3 PEG F . 12.05 28.61 -10.20
C4 PEG F . 13.25 29.48 -10.54
O4 PEG F . 14.34 29.29 -9.62
OAX 2VE G . 27.53 -14.12 -1.44
CAW 2VE G . 28.51 -13.52 -1.94
OAY 2VE G . 28.68 -12.29 -1.99
CAV 2VE G . 29.68 -14.33 -2.36
NAU 2VE G . 29.95 -14.17 -3.79
C 2VE G . 31.15 -14.52 -4.26
O 2VE G . 31.94 -15.15 -3.57
CA 2VE G . 31.52 -14.22 -5.68
N 2VE G . 30.90 -12.88 -6.08
CAH 2VE G . 31.12 -11.62 -5.69
CAJ 2VE G . 32.03 -11.14 -4.74
CAK 2VE G . 32.15 -9.59 -4.81
CAO 2VE G . 32.83 -8.95 -3.57
OAQ 2VE G . 32.89 -9.62 -2.52
OAP 2VE G . 33.29 -7.79 -3.74
CAL 2VE G . 30.78 -8.98 -4.95
CAM 2VE G . 30.22 -9.44 -6.27
CAI 2VE G . 30.28 -10.83 -6.41
CAB 2VE G . 29.56 -11.61 -7.21
CAA 2VE G . 29.95 -12.87 -7.01
CAF 2VE G . 29.39 -13.88 -7.69
CAE 2VE G . 28.39 -13.64 -8.60
CAD 2VE G . 27.99 -12.35 -8.83
BR 2VE G . 26.64 -12.14 -10.09
CAC 2VE G . 28.59 -11.31 -8.11
CL CL H . 26.64 -3.00 -20.91
CA CA I . 3.88 -7.45 -24.80
C1 PEG J . -5.50 -12.45 -15.40
O1 PEG J . -6.29 -12.00 -14.28
C2 PEG J . -4.03 -12.43 -14.99
O2 PEG J . -3.38 -13.66 -15.35
C3 PEG J . -2.31 -14.12 -14.50
C4 PEG J . -1.62 -12.98 -13.74
O4 PEG J . -0.26 -13.32 -13.44
O1 PG4 K . -33.06 -26.42 7.42
C1 PG4 K . -32.81 -25.29 8.26
C2 PG4 K . -31.72 -24.44 7.61
O2 PG4 K . -31.51 -23.25 8.36
C3 PG4 K . -30.17 -23.11 8.82
C4 PG4 K . -30.00 -23.84 10.14
O3 PG4 K . -28.60 -24.02 10.37
C5 PG4 K . -28.15 -25.34 10.11
C6 PG4 K . -26.63 -25.32 10.04
O4 PG4 K . -26.11 -26.50 9.42
C7 PG4 K . -26.41 -26.67 8.02
C8 PG4 K . -25.12 -26.80 7.23
O5 PG4 K . -25.26 -26.20 5.95
#